data_4KE5
#
_entry.id   4KE5
#
_cell.length_a   86.064
_cell.length_b   106.855
_cell.length_c   126.343
_cell.angle_alpha   90.00
_cell.angle_beta   90.00
_cell.angle_gamma   90.00
#
_symmetry.space_group_name_H-M   'P 21 21 21'
#
loop_
_entity.id
_entity.type
_entity.pdbx_description
1 polymer 'HCV Polymerase'
2 non-polymer '[4-({[5-cyclopropyl-2-(4-fluorophenyl)-3-(methylcarbamoyl)-1-benzofuran-6-yl](methylsulfonyl)amino}methyl)-2-fluorophenyl]boronic acid'
3 water water
#
_entity_poly.entity_id   1
_entity_poly.type   'polypeptide(L)'
_entity_poly.pdbx_seq_one_letter_code
;MASMSYTWTGALITPCAAEESKLPINALSNSLLRHHNMVYATTSRSAGQRQKKVTFDRLQVLDDHYRDVLKEMKAKASTV
KAKLLSVEEACKLTPPHSAKSKYGYGAKDVRNLSSRAVNHIHSVWKDLLEDTVTPIDTTIMAKNEVFCVQPEKGGRKPAR
LIVFPDLGVRVCEKMALYDVVSTLPQVVMGSSYGFQYSPGQRVEFLVNTWKSKKNPMGFSYDTRCFDSTVTENDIRVEES
IYQCCDLAPEARQAIKSLTERLYIGGPLTNSKGQNCGYRRCRASGVLTTSCGNTLTCYLKASAACRAAKLQDCTMLVYGD
DLVVICESAGTQEDAASLRVFTEAMTRYSAPPGDPPQPEYDLELITSCSSNVSVAHDASGKRVYYLTRDPTTPLARAAWE
TARHTPVNSWLGNIIMYAPTLWARMILMTHFFSILLAQEQLEKALDCQIYGACYSIEPLDLPQIIERLHGLSAFSLHSYS
PGEINRVASCLRKLGVPPLRVWRHRARSVRARLLSQGGRAATCGKYLFNWAVKTKLKLTPIPAASRLDLSGWFVAGYSGG
DIYHSLSRARPRLEHHHHHH
;
_entity_poly.pdbx_strand_id   A,B
#
loop_
_chem_comp.id
_chem_comp.type
_chem_comp.name
_chem_comp.formula
1PV non-polymer '[4-({[5-cyclopropyl-2-(4-fluorophenyl)-3-(methylcarbamoyl)-1-benzofuran-6-yl](methylsulfonyl)amino}methyl)-2-fluorophenyl]boronic acid' 'C27 H25 B F2 N2 O6 S'
#
# COMPACT_ATOMS: atom_id res chain seq x y z
N SER A 3 9.34 13.08 -4.65
CA SER A 3 10.52 12.33 -5.18
C SER A 3 10.83 12.77 -6.62
N MET A 4 12.07 13.16 -6.86
CA MET A 4 12.51 13.57 -8.20
C MET A 4 12.72 12.32 -9.05
N SER A 5 12.18 12.33 -10.27
CA SER A 5 12.34 11.21 -11.20
C SER A 5 13.81 10.85 -11.43
N TYR A 6 14.65 11.89 -11.54
CA TYR A 6 16.09 11.71 -11.69
C TYR A 6 16.85 12.76 -10.90
N THR A 7 18.08 12.40 -10.51
CA THR A 7 19.08 13.35 -10.01
C THR A 7 20.29 13.25 -10.95
N TRP A 8 20.90 14.38 -11.29
CA TRP A 8 22.00 14.41 -12.25
C TRP A 8 23.29 14.94 -11.62
N THR A 9 24.43 14.40 -12.05
CA THR A 9 25.74 14.83 -11.55
C THR A 9 26.38 15.90 -12.43
N GLY A 10 25.97 15.98 -13.69
CA GLY A 10 26.58 16.90 -14.64
C GLY A 10 27.42 16.22 -15.72
N ALA A 11 27.82 14.97 -15.46
CA ALA A 11 28.51 14.16 -16.47
C ALA A 11 27.56 13.91 -17.63
N LEU A 12 28.04 14.08 -18.85
CA LEU A 12 27.22 13.98 -20.04
C LEU A 12 26.82 12.53 -20.33
N ILE A 13 25.74 12.38 -21.08
CA ILE A 13 25.35 11.10 -21.64
C ILE A 13 26.09 10.99 -22.97
N THR A 14 26.92 9.96 -23.09
CA THR A 14 27.88 9.84 -24.17
C THR A 14 27.50 8.74 -25.16
N PRO A 15 27.84 8.91 -26.45
CA PRO A 15 27.59 7.87 -27.42
C PRO A 15 28.58 6.72 -27.28
N CYS A 16 28.21 5.53 -27.73
CA CYS A 16 29.12 4.38 -27.74
C CYS A 16 29.68 4.09 -29.14
N ALA A 17 29.24 4.88 -30.12
CA ALA A 17 29.78 4.83 -31.47
C ALA A 17 29.40 6.13 -32.19
N ALA A 18 30.04 6.40 -33.33
CA ALA A 18 29.73 7.57 -34.15
C ALA A 18 28.22 7.67 -34.43
N GLU A 19 27.70 8.89 -34.46
CA GLU A 19 26.27 9.13 -34.65
C GLU A 19 26.01 10.01 -35.86
N GLU A 20 25.12 9.57 -36.75
CA GLU A 20 24.68 10.34 -37.91
C GLU A 20 23.33 11.01 -37.61
N SER A 21 23.26 12.34 -37.77
CA SER A 21 22.00 13.07 -37.68
C SER A 21 21.39 13.34 -39.06
N LYS A 22 22.24 13.51 -40.08
CA LYS A 22 21.82 13.86 -41.43
C LYS A 22 21.51 12.61 -42.25
N LEU A 23 20.50 12.70 -43.12
CA LEU A 23 20.07 11.57 -43.94
C LEU A 23 21.18 11.13 -44.90
N PRO A 24 21.62 9.86 -44.80
CA PRO A 24 22.58 9.35 -45.76
C PRO A 24 21.93 9.12 -47.13
N ILE A 25 22.68 9.40 -48.19
CA ILE A 25 22.17 9.35 -49.55
C ILE A 25 22.96 8.34 -50.36
N ASN A 26 22.27 7.57 -51.19
CA ASN A 26 22.93 6.72 -52.17
C ASN A 26 22.21 6.80 -53.50
N ALA A 27 22.52 5.89 -54.43
CA ALA A 27 21.92 5.91 -55.76
C ALA A 27 20.40 5.66 -55.77
N LEU A 28 19.89 5.03 -54.72
CA LEU A 28 18.47 4.66 -54.61
C LEU A 28 17.62 5.70 -53.88
N SER A 29 18.26 6.68 -53.25
CA SER A 29 17.58 7.59 -52.33
C SER A 29 16.52 8.44 -53.02
N ASN A 30 16.88 9.05 -54.15
CA ASN A 30 15.96 9.97 -54.85
C ASN A 30 14.73 9.29 -55.43
N SER A 31 14.80 8.00 -55.70
CA SER A 31 13.65 7.25 -56.19
C SER A 31 12.54 7.13 -55.13
N LEU A 32 12.89 7.28 -53.86
CA LEU A 32 11.90 7.23 -52.76
C LEU A 32 11.55 8.61 -52.22
N LEU A 33 12.54 9.47 -52.02
CA LEU A 33 12.35 10.70 -51.25
C LEU A 33 13.35 11.77 -51.67
N ARG A 34 12.86 12.95 -52.03
CA ARG A 34 13.69 14.04 -52.54
C ARG A 34 14.04 15.10 -51.49
N HIS A 35 13.11 15.40 -50.57
CA HIS A 35 13.34 16.45 -49.57
C HIS A 35 14.17 15.91 -48.41
N HIS A 36 15.46 15.71 -48.66
CA HIS A 36 16.35 14.99 -47.73
C HIS A 36 16.55 15.71 -46.41
N ASN A 37 16.60 17.04 -46.43
CA ASN A 37 16.87 17.82 -45.23
C ASN A 37 15.72 17.83 -44.20
N MET A 38 14.56 17.26 -44.56
CA MET A 38 13.45 17.07 -43.63
C MET A 38 13.58 15.82 -42.76
N VAL A 39 14.44 14.88 -43.15
CA VAL A 39 14.67 13.67 -42.38
C VAL A 39 15.91 13.83 -41.53
N TYR A 40 15.84 13.43 -40.25
CA TYR A 40 16.98 13.50 -39.35
C TYR A 40 16.97 12.33 -38.37
N ALA A 41 18.11 12.10 -37.72
CA ALA A 41 18.18 11.15 -36.61
C ALA A 41 18.57 11.86 -35.32
N THR A 42 18.02 11.40 -34.20
CA THR A 42 18.38 11.95 -32.90
C THR A 42 19.75 11.44 -32.46
N THR A 43 20.47 12.27 -31.70
CA THR A 43 21.79 11.91 -31.17
C THR A 43 21.94 12.33 -29.71
N SER A 44 23.02 11.88 -29.09
CA SER A 44 23.34 12.24 -27.71
C SER A 44 23.53 13.75 -27.48
N ARG A 45 23.74 14.53 -28.55
CA ARG A 45 23.84 15.98 -28.44
C ARG A 45 22.58 16.66 -27.94
N SER A 46 21.41 16.01 -28.07
CA SER A 46 20.16 16.55 -27.53
C SER A 46 19.76 15.90 -26.20
N ALA A 47 20.60 15.01 -25.68
CA ALA A 47 20.34 14.31 -24.41
C ALA A 47 20.01 15.28 -23.29
N GLY A 48 20.80 16.35 -23.17
CA GLY A 48 20.57 17.40 -22.18
C GLY A 48 19.17 17.98 -22.21
N GLN A 49 18.62 18.12 -23.41
CA GLN A 49 17.27 18.62 -23.60
C GLN A 49 16.24 17.62 -23.06
N ARG A 50 16.42 16.34 -23.38
CA ARG A 50 15.53 15.29 -22.89
C ARG A 50 15.58 15.20 -21.37
N GLN A 51 16.78 15.24 -20.81
CA GLN A 51 16.97 15.20 -19.34
C GLN A 51 16.08 16.20 -18.64
N LYS A 52 16.03 17.43 -19.17
CA LYS A 52 15.19 18.48 -18.59
C LYS A 52 13.70 18.11 -18.62
N LYS A 53 13.24 17.55 -19.74
CA LYS A 53 11.84 17.13 -19.87
C LYS A 53 11.44 16.02 -18.91
N VAL A 54 12.32 15.03 -18.74
CA VAL A 54 12.00 13.83 -17.94
C VAL A 54 12.30 13.97 -16.44
N THR A 55 12.84 15.11 -16.01
CA THR A 55 13.22 15.32 -14.61
C THR A 55 12.21 16.25 -13.89
N PHE A 56 11.41 15.66 -13.00
CA PHE A 56 10.43 16.43 -12.22
C PHE A 56 10.02 15.70 -10.94
N ASP A 57 9.31 16.43 -10.09
CA ASP A 57 8.85 15.92 -8.81
C ASP A 57 7.51 15.20 -9.03
N ARG A 58 7.37 14.00 -8.43
CA ARG A 58 6.12 13.25 -8.47
C ARG A 58 5.46 13.31 -7.11
N LEU A 59 4.18 13.71 -7.11
CA LEU A 59 3.33 13.61 -5.93
C LEU A 59 2.26 12.59 -6.26
N GLN A 60 1.86 11.80 -5.26
CA GLN A 60 0.84 10.78 -5.47
C GLN A 60 -0.15 10.80 -4.32
N VAL A 61 -1.44 10.83 -4.67
CA VAL A 61 -2.54 10.75 -3.72
C VAL A 61 -3.43 9.56 -4.09
N LEU A 62 -3.50 8.57 -3.20
CA LEU A 62 -4.16 7.30 -3.49
C LEU A 62 -5.45 7.11 -2.68
N ASP A 63 -6.56 6.92 -3.40
CA ASP A 63 -7.87 6.83 -2.77
C ASP A 63 -8.44 5.41 -2.80
N ASP A 64 -9.70 5.27 -2.40
CA ASP A 64 -10.35 3.97 -2.30
C ASP A 64 -10.57 3.31 -3.68
N HIS A 65 -10.89 4.10 -4.70
CA HIS A 65 -11.03 3.54 -6.06
C HIS A 65 -9.73 2.84 -6.49
N TYR A 66 -8.58 3.44 -6.15
CA TYR A 66 -7.29 2.85 -6.46
C TYR A 66 -7.07 1.51 -5.76
N ARG A 67 -7.34 1.48 -4.45
CA ARG A 67 -7.13 0.26 -3.67
C ARG A 67 -8.12 -0.84 -4.08
N ASP A 68 -9.38 -0.46 -4.32
CA ASP A 68 -10.41 -1.40 -4.76
C ASP A 68 -9.99 -2.12 -6.04
N VAL A 69 -9.60 -1.35 -7.06
CA VAL A 69 -9.11 -1.92 -8.31
C VAL A 69 -7.90 -2.81 -8.05
N LEU A 70 -6.95 -2.33 -7.25
CA LEU A 70 -5.74 -3.10 -6.95
C LEU A 70 -6.08 -4.45 -6.34
N LYS A 71 -6.99 -4.46 -5.38
CA LYS A 71 -7.44 -5.72 -4.77
C LYS A 71 -8.03 -6.70 -5.80
N GLU A 72 -8.85 -6.20 -6.72
CA GLU A 72 -9.38 -7.00 -7.84
C GLU A 72 -8.29 -7.58 -8.74
N MET A 73 -7.30 -6.76 -9.08
CA MET A 73 -6.18 -7.20 -9.90
C MET A 73 -5.39 -8.32 -9.21
N LYS A 74 -5.14 -8.15 -7.91
CA LYS A 74 -4.42 -9.15 -7.14
C LYS A 74 -5.17 -10.48 -7.05
N ALA A 75 -6.48 -10.42 -6.89
CA ALA A 75 -7.33 -11.62 -6.84
C ALA A 75 -7.15 -12.47 -8.10
N LYS A 76 -7.10 -11.81 -9.25
CA LYS A 76 -6.85 -12.49 -10.51
C LYS A 76 -5.40 -12.98 -10.60
N ALA A 77 -4.44 -12.15 -10.17
CA ALA A 77 -3.03 -12.52 -10.19
C ALA A 77 -2.79 -13.78 -9.35
N SER A 78 -3.56 -13.90 -8.28
CA SER A 78 -3.49 -15.06 -7.39
C SER A 78 -3.83 -16.40 -8.08
N THR A 79 -4.51 -16.36 -9.23
CA THR A 79 -4.83 -17.59 -9.97
C THR A 79 -3.71 -18.01 -10.92
N VAL A 80 -2.70 -17.18 -11.09
CA VAL A 80 -1.62 -17.48 -12.04
C VAL A 80 -0.53 -18.34 -11.41
N LYS A 81 -0.09 -19.36 -12.15
CA LYS A 81 1.05 -20.17 -11.78
C LYS A 81 2.15 -19.94 -12.82
N ALA A 82 3.28 -19.39 -12.38
CA ALA A 82 4.40 -19.14 -13.28
C ALA A 82 5.60 -19.98 -12.88
N LYS A 83 6.41 -20.35 -13.87
CA LYS A 83 7.63 -21.13 -13.62
C LYS A 83 8.90 -20.32 -13.83
N LEU A 84 9.97 -20.80 -13.22
CA LEU A 84 11.32 -20.33 -13.50
C LEU A 84 11.77 -20.87 -14.84
N LEU A 85 12.39 -20.04 -15.67
CA LEU A 85 13.11 -20.55 -16.83
C LEU A 85 14.49 -21.00 -16.40
N SER A 86 15.00 -22.05 -17.03
CA SER A 86 16.38 -22.48 -16.82
C SER A 86 17.33 -21.47 -17.46
N VAL A 87 18.60 -21.55 -17.10
CA VAL A 87 19.62 -20.73 -17.76
C VAL A 87 19.53 -20.88 -19.28
N GLU A 88 19.45 -22.13 -19.76
CA GLU A 88 19.38 -22.42 -21.20
C GLU A 88 18.14 -21.82 -21.88
N GLU A 89 16.98 -21.90 -21.23
CA GLU A 89 15.77 -21.33 -21.80
C GLU A 89 15.88 -19.82 -21.91
N ALA A 90 16.34 -19.18 -20.84
CA ALA A 90 16.55 -17.73 -20.83
C ALA A 90 17.60 -17.29 -21.85
N CYS A 91 18.67 -18.10 -21.99
CA CYS A 91 19.73 -17.84 -22.97
C CYS A 91 19.19 -17.82 -24.40
N LYS A 92 18.36 -18.80 -24.75
CA LYS A 92 17.78 -18.88 -26.10
C LYS A 92 16.86 -17.70 -26.43
N LEU A 93 16.33 -17.02 -25.40
CA LEU A 93 15.48 -15.84 -25.61
C LEU A 93 16.28 -14.55 -25.77
N THR A 94 17.60 -14.64 -25.59
CA THR A 94 18.49 -13.50 -25.73
C THR A 94 18.72 -13.18 -27.21
N PRO A 95 18.48 -11.92 -27.63
CA PRO A 95 18.68 -11.53 -29.03
C PRO A 95 20.15 -11.60 -29.46
N PRO A 96 20.43 -12.10 -30.67
CA PRO A 96 21.81 -12.23 -31.18
C PRO A 96 22.63 -10.94 -31.14
N HIS A 97 22.00 -9.81 -31.45
CA HIS A 97 22.70 -8.52 -31.50
C HIS A 97 22.38 -7.65 -30.29
N SER A 98 22.14 -8.29 -29.14
CA SER A 98 21.92 -7.61 -27.87
C SER A 98 23.27 -7.16 -27.30
N ALA A 99 23.26 -6.12 -26.48
CA ALA A 99 24.49 -5.52 -25.94
C ALA A 99 25.30 -6.52 -25.11
N LYS A 100 26.61 -6.57 -25.37
CA LYS A 100 27.50 -7.51 -24.67
C LYS A 100 27.70 -7.15 -23.19
N SER A 101 28.18 -8.13 -22.42
CA SER A 101 28.46 -7.92 -21.00
C SER A 101 29.78 -7.18 -20.79
N LYS A 102 29.88 -6.49 -19.65
CA LYS A 102 31.12 -5.87 -19.22
C LYS A 102 32.12 -6.92 -18.73
N TYR A 103 31.63 -8.14 -18.46
CA TYR A 103 32.45 -9.18 -17.85
C TYR A 103 32.91 -10.25 -18.84
N GLY A 104 33.22 -9.84 -20.07
CA GLY A 104 33.95 -10.68 -21.02
C GLY A 104 33.18 -11.67 -21.89
N TYR A 105 31.90 -11.40 -22.13
CA TYR A 105 31.11 -12.26 -23.03
C TYR A 105 29.97 -11.45 -23.68
N GLY A 106 29.44 -11.98 -24.77
CA GLY A 106 28.41 -11.28 -25.55
C GLY A 106 27.17 -12.13 -25.80
N ALA A 107 26.21 -11.55 -26.50
CA ALA A 107 24.92 -12.18 -26.76
C ALA A 107 25.04 -13.56 -27.41
N LYS A 108 25.99 -13.70 -28.34
CA LYS A 108 26.18 -14.97 -29.05
C LYS A 108 26.83 -16.04 -28.18
N ASP A 109 27.61 -15.62 -27.18
CA ASP A 109 28.19 -16.54 -26.20
C ASP A 109 27.10 -17.10 -25.30
N VAL A 110 26.14 -16.23 -24.95
CA VAL A 110 24.97 -16.61 -24.16
C VAL A 110 24.14 -17.61 -24.93
N ARG A 111 23.83 -17.29 -26.18
CA ARG A 111 23.02 -18.16 -27.04
C ARG A 111 23.65 -19.55 -27.21
N ASN A 112 24.98 -19.60 -27.27
CA ASN A 112 25.73 -20.85 -27.45
C ASN A 112 26.03 -21.61 -26.16
N LEU A 113 25.54 -21.10 -25.02
CA LEU A 113 25.78 -21.72 -23.71
C LEU A 113 27.28 -21.89 -23.42
N SER A 114 28.09 -20.92 -23.86
CA SER A 114 29.53 -20.91 -23.57
C SER A 114 29.74 -20.93 -22.06
N SER A 115 30.78 -21.63 -21.62
CA SER A 115 30.99 -21.85 -20.18
C SER A 115 31.22 -20.53 -19.45
N ARG A 116 31.97 -19.61 -20.05
CA ARG A 116 32.22 -18.29 -19.44
C ARG A 116 30.93 -17.52 -19.20
N ALA A 117 30.03 -17.54 -20.19
CA ALA A 117 28.75 -16.84 -20.08
C ALA A 117 27.85 -17.51 -19.05
N VAL A 118 27.76 -18.83 -19.13
CA VAL A 118 26.90 -19.61 -18.24
C VAL A 118 27.37 -19.50 -16.79
N ASN A 119 28.69 -19.48 -16.59
CA ASN A 119 29.25 -19.35 -15.23
C ASN A 119 28.92 -17.99 -14.61
N HIS A 120 29.08 -16.91 -15.37
CA HIS A 120 28.75 -15.57 -14.90
C HIS A 120 27.26 -15.40 -14.61
N ILE A 121 26.40 -15.98 -15.44
CA ILE A 121 24.96 -15.94 -15.22
C ILE A 121 24.61 -16.65 -13.91
N HIS A 122 25.23 -17.80 -13.66
CA HIS A 122 25.02 -18.54 -12.42
C HIS A 122 25.45 -17.76 -11.18
N SER A 123 26.55 -17.03 -11.28
CA SER A 123 27.00 -16.20 -10.16
C SER A 123 26.13 -14.95 -9.98
N VAL A 124 25.65 -14.38 -11.07
CA VAL A 124 24.72 -13.25 -10.99
C VAL A 124 23.41 -13.69 -10.31
N TRP A 125 22.90 -14.86 -10.70
CA TRP A 125 21.69 -15.42 -10.09
C TRP A 125 21.88 -15.66 -8.60
N LYS A 126 22.99 -16.30 -8.24
CA LYS A 126 23.30 -16.57 -6.84
C LYS A 126 23.34 -15.26 -6.04
N ASP A 127 23.92 -14.22 -6.62
CA ASP A 127 23.96 -12.93 -5.95
C ASP A 127 22.55 -12.32 -5.76
N LEU A 128 21.66 -12.51 -6.74
CA LEU A 128 20.28 -12.04 -6.58
C LEU A 128 19.56 -12.75 -5.43
N LEU A 129 19.83 -14.05 -5.25
CA LEU A 129 19.24 -14.82 -4.15
C LEU A 129 19.78 -14.37 -2.78
N GLU A 130 21.06 -14.04 -2.72
CA GLU A 130 21.74 -13.78 -1.44
C GLU A 130 21.74 -12.30 -1.01
N ASP A 131 21.46 -11.40 -1.95
CA ASP A 131 21.58 -9.96 -1.70
C ASP A 131 20.34 -9.26 -2.26
N THR A 132 19.57 -8.61 -1.39
CA THR A 132 18.33 -7.95 -1.78
C THR A 132 18.38 -6.42 -1.58
N VAL A 133 19.58 -5.88 -1.36
CA VAL A 133 19.74 -4.46 -1.02
C VAL A 133 20.61 -3.66 -2.00
N THR A 134 21.69 -4.25 -2.50
CA THR A 134 22.70 -3.48 -3.24
C THR A 134 22.22 -3.03 -4.62
N PRO A 135 22.13 -1.70 -4.85
CA PRO A 135 21.67 -1.24 -6.17
C PRO A 135 22.53 -1.79 -7.30
N ILE A 136 21.85 -2.19 -8.38
CA ILE A 136 22.51 -2.76 -9.55
C ILE A 136 22.79 -1.64 -10.54
N ASP A 137 23.98 -1.66 -11.15
CA ASP A 137 24.36 -0.61 -12.08
C ASP A 137 23.51 -0.66 -13.35
N THR A 138 23.36 0.49 -13.98
CA THR A 138 22.70 0.58 -15.28
C THR A 138 23.48 1.52 -16.16
N THR A 139 23.36 1.32 -17.46
CA THR A 139 23.92 2.20 -18.46
C THR A 139 22.79 3.06 -19.01
N ILE A 140 23.05 4.36 -19.14
CA ILE A 140 22.12 5.28 -19.79
C ILE A 140 22.69 5.72 -21.15
N MET A 141 21.89 5.59 -22.21
CA MET A 141 22.28 5.96 -23.57
C MET A 141 21.20 6.82 -24.19
N ALA A 142 21.58 7.60 -25.20
CA ALA A 142 20.61 8.27 -26.06
C ALA A 142 20.27 7.32 -27.21
N LYS A 143 18.98 7.14 -27.47
CA LYS A 143 18.54 6.36 -28.64
C LYS A 143 18.81 7.16 -29.91
N ASN A 144 19.27 6.48 -30.94
CA ASN A 144 19.35 7.06 -32.27
C ASN A 144 18.13 6.60 -33.06
N GLU A 145 17.17 7.52 -33.27
CA GLU A 145 15.94 7.23 -34.01
C GLU A 145 15.65 8.31 -35.06
N VAL A 146 15.02 7.90 -36.17
CA VAL A 146 14.83 8.77 -37.33
C VAL A 146 13.41 9.36 -37.40
N PHE A 147 13.31 10.64 -37.73
CA PHE A 147 12.03 11.34 -37.86
C PHE A 147 12.03 12.37 -38.99
N CYS A 148 10.85 12.84 -39.34
CA CYS A 148 10.69 14.02 -40.19
C CYS A 148 10.59 15.26 -39.29
N VAL A 149 11.10 16.39 -39.76
CA VAL A 149 10.98 17.63 -38.99
C VAL A 149 9.50 17.98 -38.84
N GLN A 150 9.09 18.26 -37.60
CA GLN A 150 7.70 18.62 -37.30
C GLN A 150 7.57 20.13 -37.28
N PRO A 151 7.33 20.72 -38.44
CA PRO A 151 7.22 22.17 -38.59
C PRO A 151 6.19 22.78 -37.64
N ARG A 156 12.83 19.96 -33.80
CA ARG A 156 13.29 18.58 -33.77
C ARG A 156 13.12 17.95 -32.39
N LYS A 157 12.75 16.67 -32.37
CA LYS A 157 12.63 15.91 -31.13
C LYS A 157 14.02 15.63 -30.56
N PRO A 158 14.19 15.83 -29.23
CA PRO A 158 15.43 15.38 -28.60
C PRO A 158 15.43 13.85 -28.46
N ALA A 159 16.60 13.24 -28.37
CA ALA A 159 16.71 11.79 -28.29
C ALA A 159 15.97 11.26 -27.07
N ARG A 160 15.39 10.08 -27.18
CA ARG A 160 14.87 9.37 -26.01
C ARG A 160 16.07 8.78 -25.26
N LEU A 161 15.91 8.57 -23.96
CA LEU A 161 16.94 7.93 -23.15
C LEU A 161 16.55 6.49 -22.86
N ILE A 162 17.51 5.58 -22.98
CA ILE A 162 17.32 4.18 -22.63
C ILE A 162 18.21 3.87 -21.43
N VAL A 163 17.67 3.10 -20.49
CA VAL A 163 18.40 2.69 -19.28
C VAL A 163 18.30 1.18 -19.14
N PHE A 164 19.44 0.49 -19.05
CA PHE A 164 19.44 -0.96 -19.01
C PHE A 164 20.61 -1.50 -18.21
N PRO A 165 20.45 -2.70 -17.63
CA PRO A 165 21.51 -3.34 -16.87
C PRO A 165 22.32 -4.29 -17.73
N ASP A 166 23.38 -4.84 -17.15
CA ASP A 166 24.31 -5.72 -17.87
C ASP A 166 23.62 -6.99 -18.37
N LEU A 167 24.17 -7.56 -19.44
CA LEU A 167 23.65 -8.77 -20.06
C LEU A 167 23.35 -9.92 -19.08
N GLY A 168 24.26 -10.16 -18.14
CA GLY A 168 24.09 -11.23 -17.16
C GLY A 168 22.84 -11.05 -16.32
N VAL A 169 22.56 -9.80 -15.96
CA VAL A 169 21.34 -9.44 -15.25
C VAL A 169 20.10 -9.67 -16.12
N ARG A 170 20.19 -9.31 -17.40
CA ARG A 170 19.04 -9.44 -18.32
C ARG A 170 18.62 -10.90 -18.51
N VAL A 171 19.60 -11.80 -18.55
CA VAL A 171 19.30 -13.24 -18.62
C VAL A 171 18.59 -13.69 -17.32
N CYS A 172 19.08 -13.22 -16.18
CA CYS A 172 18.49 -13.52 -14.88
C CYS A 172 17.06 -13.01 -14.74
N GLU A 173 16.79 -11.81 -15.24
CA GLU A 173 15.42 -11.31 -15.30
C GLU A 173 14.50 -12.29 -16.02
N LYS A 174 14.94 -12.78 -17.18
CA LYS A 174 14.16 -13.77 -17.95
C LYS A 174 13.91 -15.04 -17.14
N MET A 175 14.94 -15.51 -16.43
CA MET A 175 14.81 -16.67 -15.55
C MET A 175 13.72 -16.45 -14.52
N ALA A 176 13.79 -15.32 -13.82
CA ALA A 176 12.86 -15.03 -12.73
C ALA A 176 11.45 -14.74 -13.20
N LEU A 177 11.32 -14.01 -14.30
CA LEU A 177 10.10 -13.28 -14.60
C LEU A 177 9.49 -13.45 -16.00
N TYR A 178 10.17 -14.13 -16.92
CA TYR A 178 9.68 -14.17 -18.30
C TYR A 178 8.29 -14.81 -18.36
N ASP A 179 8.13 -15.94 -17.67
CA ASP A 179 6.88 -16.66 -17.65
C ASP A 179 5.78 -15.85 -16.95
N VAL A 180 6.17 -15.00 -16.01
CA VAL A 180 5.23 -14.11 -15.32
C VAL A 180 4.73 -13.00 -16.25
N VAL A 181 5.65 -12.24 -16.84
CA VAL A 181 5.26 -11.12 -17.71
C VAL A 181 4.51 -11.60 -18.96
N SER A 182 4.69 -12.86 -19.32
CA SER A 182 4.05 -13.45 -20.51
C SER A 182 2.64 -13.96 -20.26
N THR A 183 2.31 -14.29 -19.01
CA THR A 183 1.04 -14.94 -18.68
C THR A 183 0.12 -14.09 -17.80
N LEU A 184 0.70 -13.25 -16.93
CA LEU A 184 -0.06 -12.57 -15.88
C LEU A 184 -1.00 -11.45 -16.39
N PRO A 185 -0.50 -10.55 -17.25
CA PRO A 185 -1.32 -9.39 -17.66
C PRO A 185 -2.67 -9.76 -18.31
N GLN A 186 -2.69 -10.81 -19.14
CA GLN A 186 -3.92 -11.27 -19.79
C GLN A 186 -4.94 -11.74 -18.76
N VAL A 187 -4.48 -12.53 -17.80
CA VAL A 187 -5.33 -13.01 -16.72
C VAL A 187 -5.87 -11.83 -15.90
N VAL A 188 -4.98 -10.89 -15.56
CA VAL A 188 -5.39 -9.74 -14.73
C VAL A 188 -6.32 -8.78 -15.46
N MET A 189 -6.05 -8.53 -16.74
CA MET A 189 -6.71 -7.46 -17.49
C MET A 189 -7.72 -7.94 -18.54
N GLY A 190 -7.71 -9.23 -18.85
CA GLY A 190 -8.68 -9.83 -19.76
C GLY A 190 -8.56 -9.26 -21.17
N SER A 191 -9.70 -8.85 -21.71
CA SER A 191 -9.76 -8.33 -23.07
C SER A 191 -9.06 -6.97 -23.25
N SER A 192 -8.80 -6.28 -22.14
CA SER A 192 -8.12 -4.97 -22.15
C SER A 192 -6.63 -5.05 -22.49
N TYR A 193 -6.04 -6.25 -22.34
CA TYR A 193 -4.62 -6.44 -22.61
C TYR A 193 -4.34 -6.49 -24.12
N GLY A 194 -3.85 -5.38 -24.67
CA GLY A 194 -3.73 -5.20 -26.12
C GLY A 194 -2.75 -6.10 -26.85
N PHE A 195 -1.72 -6.56 -26.14
CA PHE A 195 -0.67 -7.39 -26.74
C PHE A 195 -1.18 -8.71 -27.32
N GLN A 196 -2.21 -9.29 -26.71
CA GLN A 196 -2.69 -10.63 -27.10
C GLN A 196 -3.26 -10.72 -28.53
N TYR A 197 -3.73 -9.60 -29.07
CA TYR A 197 -4.40 -9.61 -30.38
C TYR A 197 -3.38 -9.47 -31.51
N SER A 198 -3.61 -10.18 -32.60
CA SER A 198 -3.00 -9.84 -33.88
C SER A 198 -3.65 -8.52 -34.33
N PRO A 199 -3.06 -7.84 -35.34
CA PRO A 199 -3.71 -6.60 -35.77
C PRO A 199 -5.16 -6.80 -36.22
N GLY A 200 -5.43 -7.93 -36.88
CA GLY A 200 -6.77 -8.28 -37.35
C GLY A 200 -7.77 -8.54 -36.23
N GLN A 201 -7.32 -9.20 -35.18
CA GLN A 201 -8.14 -9.42 -33.98
C GLN A 201 -8.41 -8.11 -33.23
N ARG A 202 -7.40 -7.25 -33.12
CA ARG A 202 -7.55 -5.96 -32.46
C ARG A 202 -8.60 -5.09 -33.14
N VAL A 203 -8.52 -5.01 -34.46
CA VAL A 203 -9.51 -4.30 -35.27
C VAL A 203 -10.92 -4.80 -34.96
N GLU A 204 -11.06 -6.12 -34.95
CA GLU A 204 -12.33 -6.78 -34.68
C GLU A 204 -12.80 -6.51 -33.26
N PHE A 205 -11.87 -6.54 -32.31
CA PHE A 205 -12.22 -6.22 -30.92
C PHE A 205 -12.74 -4.79 -30.80
N LEU A 206 -12.03 -3.84 -31.41
CA LEU A 206 -12.40 -2.43 -31.33
C LEU A 206 -13.76 -2.14 -31.94
N VAL A 207 -14.02 -2.70 -33.12
CA VAL A 207 -15.30 -2.52 -33.80
C VAL A 207 -16.45 -3.16 -33.00
N ASN A 208 -16.24 -4.37 -32.49
CA ASN A 208 -17.26 -5.02 -31.67
C ASN A 208 -17.51 -4.27 -30.36
N THR A 209 -16.45 -3.72 -29.76
CA THR A 209 -16.60 -2.90 -28.55
C THR A 209 -17.39 -1.62 -28.83
N TRP A 210 -17.08 -0.94 -29.93
CA TRP A 210 -17.79 0.28 -30.32
C TRP A 210 -19.28 -0.01 -30.53
N LYS A 211 -19.58 -1.09 -31.24
CA LYS A 211 -20.96 -1.50 -31.52
C LYS A 211 -21.70 -2.05 -30.30
N SER A 212 -20.98 -2.45 -29.26
CA SER A 212 -21.60 -2.99 -28.06
C SER A 212 -22.24 -1.91 -27.19
N LYS A 213 -21.93 -0.63 -27.46
CA LYS A 213 -22.52 0.48 -26.71
C LYS A 213 -23.73 1.04 -27.46
N LYS A 214 -24.73 1.48 -26.71
CA LYS A 214 -25.93 2.11 -27.28
C LYS A 214 -25.58 3.42 -27.98
N ASN A 215 -24.99 4.34 -27.23
CA ASN A 215 -24.43 5.58 -27.76
C ASN A 215 -22.94 5.62 -27.41
N PRO A 216 -22.07 5.20 -28.35
CA PRO A 216 -20.66 5.07 -28.02
C PRO A 216 -19.91 6.40 -27.93
N MET A 217 -19.03 6.49 -26.95
CA MET A 217 -18.04 7.56 -26.85
C MET A 217 -16.71 6.93 -26.52
N GLY A 218 -15.64 7.47 -27.08
CA GLY A 218 -14.31 6.94 -26.85
C GLY A 218 -13.26 8.03 -26.75
N PHE A 219 -12.17 7.74 -26.06
CA PHE A 219 -11.05 8.67 -26.01
C PHE A 219 -9.72 8.00 -25.74
N SER A 220 -8.67 8.64 -26.23
CA SER A 220 -7.30 8.26 -25.90
C SER A 220 -6.83 9.10 -24.72
N TYR A 221 -6.02 8.49 -23.86
CA TYR A 221 -5.34 9.23 -22.80
C TYR A 221 -3.86 8.89 -22.90
N ASP A 222 -3.05 9.92 -23.15
CA ASP A 222 -1.60 9.74 -23.24
C ASP A 222 -0.91 10.57 -22.17
N THR A 223 -0.23 9.87 -21.26
CA THR A 223 0.45 10.52 -20.15
C THR A 223 1.74 11.13 -20.65
N ARG A 224 2.07 12.30 -20.11
CA ARG A 224 3.30 12.99 -20.43
C ARG A 224 4.48 12.25 -19.80
N CYS A 225 5.40 11.76 -20.62
N CYS A 225 5.43 11.78 -20.61
CA CYS A 225 6.62 11.12 -20.12
CA CYS A 225 6.64 11.13 -20.11
C CYS A 225 6.32 10.07 -19.07
C CYS A 225 6.32 10.06 -19.06
N PHE A 226 5.50 9.08 -19.45
CA PHE A 226 4.98 8.07 -18.52
C PHE A 226 6.03 7.38 -17.64
N ASP A 227 7.17 7.03 -18.22
CA ASP A 227 8.22 6.35 -17.46
C ASP A 227 8.66 7.17 -16.26
N SER A 228 8.75 8.50 -16.41
CA SER A 228 9.11 9.39 -15.31
C SER A 228 8.02 9.52 -14.25
N THR A 229 6.78 9.29 -14.63
CA THR A 229 5.65 9.40 -13.70
C THR A 229 5.53 8.16 -12.81
N VAL A 230 6.18 7.07 -13.21
CA VAL A 230 6.18 5.85 -12.41
C VAL A 230 7.00 6.05 -11.13
N THR A 231 6.32 5.94 -9.99
CA THR A 231 6.93 6.16 -8.68
C THR A 231 7.42 4.86 -8.04
N GLU A 232 8.15 4.98 -6.92
CA GLU A 232 8.53 3.82 -6.10
C GLU A 232 7.31 3.02 -5.64
N ASN A 233 6.26 3.72 -5.21
CA ASN A 233 5.00 3.07 -4.86
C ASN A 233 4.47 2.20 -6.01
N ASP A 234 4.45 2.77 -7.21
CA ASP A 234 3.94 2.06 -8.38
C ASP A 234 4.72 0.75 -8.62
N ILE A 235 6.04 0.85 -8.57
CA ILE A 235 6.90 -0.31 -8.83
C ILE A 235 6.83 -1.36 -7.70
N ARG A 236 6.65 -0.92 -6.46
CA ARG A 236 6.35 -1.83 -5.34
C ARG A 236 4.98 -2.49 -5.49
N VAL A 237 3.97 -1.73 -5.91
CA VAL A 237 2.65 -2.30 -6.13
C VAL A 237 2.67 -3.37 -7.24
N GLU A 238 3.39 -3.09 -8.33
CA GLU A 238 3.64 -4.08 -9.37
C GLU A 238 4.21 -5.37 -8.79
N GLU A 239 5.24 -5.24 -7.97
CA GLU A 239 5.85 -6.42 -7.35
C GLU A 239 4.84 -7.20 -6.50
N SER A 240 3.98 -6.50 -5.77
CA SER A 240 2.98 -7.17 -4.93
C SER A 240 2.01 -7.97 -5.78
N ILE A 241 1.77 -7.51 -7.01
CA ILE A 241 0.95 -8.25 -7.97
C ILE A 241 1.67 -9.54 -8.42
N TYR A 242 2.93 -9.43 -8.82
CA TYR A 242 3.72 -10.59 -9.25
C TYR A 242 3.78 -11.64 -8.14
N GLN A 243 3.94 -11.19 -6.91
CA GLN A 243 4.09 -12.09 -5.76
C GLN A 243 2.79 -12.79 -5.38
N CYS A 244 1.65 -12.32 -5.87
CA CYS A 244 0.38 -13.04 -5.74
C CYS A 244 0.36 -14.36 -6.50
N CYS A 245 1.17 -14.47 -7.56
CA CYS A 245 1.25 -15.70 -8.34
C CYS A 245 1.75 -16.87 -7.52
N ASP A 246 1.42 -18.07 -7.98
CA ASP A 246 2.00 -19.31 -7.48
C ASP A 246 3.40 -19.42 -8.10
N LEU A 247 4.43 -19.13 -7.28
CA LEU A 247 5.80 -19.08 -7.75
C LEU A 247 6.69 -20.05 -6.97
N ALA A 248 7.78 -20.48 -7.60
CA ALA A 248 8.83 -21.22 -6.92
C ALA A 248 9.53 -20.26 -5.94
N PRO A 249 9.83 -20.72 -4.70
CA PRO A 249 10.50 -19.88 -3.70
C PRO A 249 11.71 -19.08 -4.23
N GLU A 250 12.52 -19.72 -5.06
CA GLU A 250 13.66 -19.07 -5.71
C GLU A 250 13.22 -17.85 -6.54
N ALA A 251 12.14 -18.02 -7.30
CA ALA A 251 11.60 -16.93 -8.11
C ALA A 251 11.13 -15.76 -7.27
N ARG A 252 10.50 -16.06 -6.14
CA ARG A 252 10.01 -15.00 -5.23
C ARG A 252 11.15 -14.12 -4.74
N GLN A 253 12.25 -14.75 -4.32
CA GLN A 253 13.44 -14.04 -3.84
C GLN A 253 14.10 -13.20 -4.94
N ALA A 254 14.24 -13.77 -6.13
CA ALA A 254 14.85 -13.07 -7.26
C ALA A 254 14.01 -11.85 -7.67
N ILE A 255 12.69 -11.99 -7.60
CA ILE A 255 11.76 -10.90 -7.94
C ILE A 255 11.82 -9.77 -6.91
N LYS A 256 11.87 -10.12 -5.64
CA LYS A 256 12.07 -9.15 -4.56
C LYS A 256 13.40 -8.45 -4.73
N SER A 257 14.44 -9.24 -4.95
CA SER A 257 15.80 -8.71 -5.17
C SER A 257 15.84 -7.74 -6.35
N LEU A 258 15.38 -8.19 -7.53
CA LEU A 258 15.36 -7.36 -8.73
C LEU A 258 14.55 -6.07 -8.53
N THR A 259 13.43 -6.16 -7.82
CA THR A 259 12.60 -4.99 -7.53
C THR A 259 13.36 -3.96 -6.66
N GLU A 260 13.96 -4.42 -5.57
CA GLU A 260 14.64 -3.51 -4.63
C GLU A 260 15.90 -2.91 -5.25
N ARG A 261 16.64 -3.74 -5.98
CA ARG A 261 17.98 -3.39 -6.44
C ARG A 261 18.02 -2.75 -7.83
N LEU A 262 16.98 -2.97 -8.63
CA LEU A 262 17.00 -2.56 -10.04
C LEU A 262 15.74 -1.78 -10.45
N TYR A 263 14.56 -2.37 -10.27
CA TYR A 263 13.33 -1.79 -10.85
C TYR A 263 12.92 -0.48 -10.19
N ILE A 264 13.04 -0.39 -8.87
CA ILE A 264 12.70 0.85 -8.16
C ILE A 264 13.64 2.00 -8.50
N GLY A 265 14.90 1.68 -8.77
CA GLY A 265 15.87 2.71 -9.11
C GLY A 265 17.30 2.25 -8.96
N GLY A 266 18.22 3.14 -9.27
CA GLY A 266 19.64 2.86 -9.14
C GLY A 266 20.51 3.90 -9.81
N PRO A 267 21.84 3.76 -9.66
CA PRO A 267 22.80 4.68 -10.26
C PRO A 267 22.82 4.55 -11.77
N LEU A 268 23.10 5.66 -12.46
CA LEU A 268 23.17 5.71 -13.92
C LEU A 268 24.60 5.95 -14.36
N THR A 269 25.12 5.10 -15.23
CA THR A 269 26.49 5.19 -15.71
C THR A 269 26.49 5.39 -17.21
N ASN A 270 27.32 6.30 -17.74
CA ASN A 270 27.37 6.48 -19.19
C ASN A 270 28.27 5.43 -19.85
N SER A 271 28.37 5.48 -21.18
CA SER A 271 29.13 4.51 -21.96
C SER A 271 30.62 4.53 -21.65
N LYS A 272 31.13 5.67 -21.17
CA LYS A 272 32.53 5.82 -20.83
C LYS A 272 32.83 5.38 -19.39
N GLY A 273 31.78 5.17 -18.58
CA GLY A 273 31.93 4.63 -17.23
C GLY A 273 31.82 5.63 -16.10
N GLN A 274 31.38 6.85 -16.41
CA GLN A 274 31.21 7.90 -15.41
C GLN A 274 29.80 7.88 -14.82
N ASN A 275 29.68 8.25 -13.55
CA ASN A 275 28.37 8.35 -12.90
C ASN A 275 27.59 9.56 -13.40
N CYS A 276 26.44 9.32 -14.03
CA CYS A 276 25.60 10.39 -14.59
C CYS A 276 24.56 10.87 -13.60
N GLY A 277 24.17 10.01 -12.66
CA GLY A 277 23.19 10.39 -11.66
C GLY A 277 22.43 9.22 -11.06
N TYR A 278 21.14 9.44 -10.81
CA TYR A 278 20.33 8.46 -10.13
C TYR A 278 18.87 8.49 -10.60
N ARG A 279 18.32 7.28 -10.75
CA ARG A 279 16.96 7.06 -11.24
C ARG A 279 16.03 6.64 -10.11
N ARG A 280 14.85 7.26 -10.05
CA ARG A 280 13.80 6.85 -9.10
C ARG A 280 12.47 6.63 -9.82
N CYS A 281 12.56 6.23 -11.08
CA CYS A 281 11.40 6.00 -11.93
C CYS A 281 11.63 4.75 -12.77
N ARG A 282 10.73 4.49 -13.72
CA ARG A 282 10.83 3.31 -14.59
C ARG A 282 12.10 3.37 -15.45
N ALA A 283 12.86 2.28 -15.47
CA ALA A 283 13.92 2.07 -16.45
C ALA A 283 13.26 1.58 -17.75
N SER A 284 13.64 2.16 -18.88
CA SER A 284 13.06 1.76 -20.17
C SER A 284 13.50 0.37 -20.64
N GLY A 285 14.71 -0.04 -20.24
CA GLY A 285 15.31 -1.26 -20.78
C GLY A 285 15.39 -2.44 -19.84
N VAL A 286 14.43 -2.56 -18.93
CA VAL A 286 14.33 -3.74 -18.08
C VAL A 286 13.20 -4.63 -18.55
N LEU A 287 13.22 -5.89 -18.15
CA LEU A 287 12.27 -6.88 -18.66
C LEU A 287 10.82 -6.54 -18.30
N THR A 288 10.59 -5.97 -17.13
CA THR A 288 9.25 -5.72 -16.63
C THR A 288 8.66 -4.38 -17.10
N THR A 289 9.36 -3.65 -17.96
CA THR A 289 8.91 -2.32 -18.39
C THR A 289 7.55 -2.37 -19.08
N SER A 290 7.38 -3.30 -20.02
CA SER A 290 6.14 -3.37 -20.80
C SER A 290 4.98 -3.82 -19.91
N CYS A 291 5.14 -4.95 -19.25
CA CYS A 291 4.13 -5.48 -18.32
C CYS A 291 3.82 -4.49 -17.20
N GLY A 292 4.87 -3.93 -16.61
CA GLY A 292 4.73 -2.97 -15.53
C GLY A 292 3.96 -1.74 -15.92
N ASN A 293 4.32 -1.12 -17.04
CA ASN A 293 3.58 0.05 -17.55
C ASN A 293 2.12 -0.27 -17.87
N THR A 294 1.88 -1.48 -18.39
CA THR A 294 0.52 -1.88 -18.76
C THR A 294 -0.34 -2.08 -17.52
N LEU A 295 0.17 -2.83 -16.54
CA LEU A 295 -0.54 -3.00 -15.27
C LEU A 295 -0.80 -1.67 -14.57
N THR A 296 0.22 -0.84 -14.51
CA THR A 296 0.11 0.45 -13.80
C THR A 296 -0.83 1.39 -14.51
N CYS A 297 -0.75 1.45 -15.83
CA CYS A 297 -1.70 2.24 -16.61
C CYS A 297 -3.14 1.74 -16.43
N TYR A 298 -3.30 0.41 -16.49
CA TYR A 298 -4.61 -0.23 -16.27
C TYR A 298 -5.18 0.12 -14.90
N LEU A 299 -4.35 0.00 -13.86
CA LEU A 299 -4.76 0.29 -12.48
C LEU A 299 -5.24 1.74 -12.32
N LYS A 300 -4.39 2.69 -12.71
CA LYS A 300 -4.70 4.11 -12.56
C LYS A 300 -5.94 4.50 -13.36
N ALA A 301 -6.03 4.06 -14.62
CA ALA A 301 -7.15 4.40 -15.50
C ALA A 301 -8.46 3.75 -15.09
N SER A 302 -8.42 2.50 -14.65
CA SER A 302 -9.62 1.81 -14.17
C SER A 302 -10.19 2.55 -12.96
N ALA A 303 -9.32 2.87 -12.00
CA ALA A 303 -9.72 3.67 -10.84
C ALA A 303 -10.20 5.07 -11.25
N ALA A 304 -9.57 5.69 -12.23
CA ALA A 304 -9.99 7.00 -12.76
C ALA A 304 -11.34 6.94 -13.48
N CYS A 305 -11.65 5.79 -14.10
CA CYS A 305 -12.99 5.58 -14.68
C CYS A 305 -14.07 5.63 -13.60
N ARG A 306 -13.80 5.03 -12.44
CA ARG A 306 -14.77 4.99 -11.34
C ARG A 306 -15.01 6.37 -10.73
N ALA A 307 -13.91 7.12 -10.54
CA ALA A 307 -14.00 8.52 -10.07
C ALA A 307 -14.90 9.36 -10.98
N ALA A 308 -14.74 9.21 -12.30
CA ALA A 308 -15.51 9.99 -13.28
C ALA A 308 -16.91 9.43 -13.54
N LYS A 309 -17.21 8.27 -12.96
CA LYS A 309 -18.49 7.61 -13.11
C LYS A 309 -18.82 7.31 -14.57
N LEU A 310 -17.83 6.86 -15.33
CA LEU A 310 -18.06 6.51 -16.73
C LEU A 310 -18.80 5.17 -16.77
N GLN A 311 -19.80 5.08 -17.64
CA GLN A 311 -20.72 3.94 -17.67
C GLN A 311 -20.29 2.89 -18.70
N ASP A 312 -20.26 1.63 -18.27
CA ASP A 312 -20.02 0.48 -19.16
C ASP A 312 -18.73 0.68 -19.98
N CYS A 313 -17.64 0.88 -19.25
CA CYS A 313 -16.32 1.11 -19.83
C CYS A 313 -15.69 -0.16 -20.35
N THR A 314 -15.07 -0.05 -21.52
CA THR A 314 -14.17 -1.07 -22.03
C THR A 314 -12.85 -0.35 -22.25
N MET A 315 -11.81 -0.80 -21.56
CA MET A 315 -10.48 -0.22 -21.75
C MET A 315 -9.62 -1.11 -22.64
N LEU A 316 -8.73 -0.48 -23.39
CA LEU A 316 -7.69 -1.18 -24.10
C LEU A 316 -6.37 -0.51 -23.75
N VAL A 317 -5.43 -1.32 -23.27
CA VAL A 317 -4.17 -0.83 -22.75
C VAL A 317 -3.00 -1.59 -23.36
N TYR A 318 -1.99 -0.86 -23.78
CA TYR A 318 -0.76 -1.42 -24.30
C TYR A 318 0.38 -0.49 -23.85
N GLY A 319 1.17 -0.93 -22.88
CA GLY A 319 2.18 -0.07 -22.27
C GLY A 319 1.55 1.16 -21.62
N ASP A 320 2.01 2.34 -22.03
CA ASP A 320 1.46 3.60 -21.51
C ASP A 320 0.33 4.17 -22.39
N ASP A 321 -0.03 3.45 -23.45
CA ASP A 321 -1.14 3.87 -24.32
C ASP A 321 -2.46 3.30 -23.81
N LEU A 322 -3.46 4.16 -23.76
CA LEU A 322 -4.75 3.83 -23.21
C LEU A 322 -5.88 4.37 -24.07
N VAL A 323 -6.90 3.54 -24.29
CA VAL A 323 -8.15 3.98 -24.90
C VAL A 323 -9.32 3.42 -24.10
N VAL A 324 -10.27 4.29 -23.79
CA VAL A 324 -11.51 3.91 -23.13
C VAL A 324 -12.64 4.10 -24.13
N ILE A 325 -13.48 3.09 -24.28
CA ILE A 325 -14.74 3.20 -25.02
C ILE A 325 -15.84 2.91 -24.02
N CYS A 326 -16.81 3.80 -23.97
CA CYS A 326 -17.86 3.74 -22.95
C CYS A 326 -19.20 4.23 -23.51
N GLU A 327 -20.23 4.13 -22.65
CA GLU A 327 -21.57 4.58 -23.00
C GLU A 327 -21.66 6.10 -22.84
N SER A 328 -22.09 6.79 -23.90
CA SER A 328 -22.26 8.25 -23.82
C SER A 328 -23.41 8.60 -22.89
N ALA A 329 -23.23 9.65 -22.10
CA ALA A 329 -24.28 10.19 -21.25
C ALA A 329 -24.76 11.53 -21.81
N GLY A 330 -24.29 11.88 -23.01
CA GLY A 330 -24.55 13.18 -23.61
C GLY A 330 -23.23 13.91 -23.86
N THR A 331 -23.23 14.81 -24.84
CA THR A 331 -22.00 15.53 -25.22
C THR A 331 -21.42 16.33 -24.04
N GLN A 332 -22.25 17.17 -23.43
CA GLN A 332 -21.82 18.00 -22.31
C GLN A 332 -21.38 17.16 -21.11
N GLU A 333 -22.17 16.13 -20.81
CA GLU A 333 -21.91 15.23 -19.68
C GLU A 333 -20.60 14.46 -19.90
N ASP A 334 -20.35 14.03 -21.12
CA ASP A 334 -19.10 13.33 -21.45
C ASP A 334 -17.88 14.22 -21.25
N ALA A 335 -17.93 15.44 -21.76
CA ALA A 335 -16.80 16.37 -21.67
C ALA A 335 -16.45 16.68 -20.22
N ALA A 336 -17.48 16.87 -19.40
CA ALA A 336 -17.31 17.09 -17.97
C ALA A 336 -16.63 15.89 -17.29
N SER A 337 -17.07 14.68 -17.64
CA SER A 337 -16.57 13.48 -16.97
C SER A 337 -15.11 13.18 -17.33
N LEU A 338 -14.65 13.62 -18.50
CA LEU A 338 -13.24 13.49 -18.89
C LEU A 338 -12.32 14.37 -18.06
N ARG A 339 -12.80 15.56 -17.69
CA ARG A 339 -12.03 16.45 -16.81
C ARG A 339 -11.79 15.77 -15.47
N VAL A 340 -12.83 15.14 -14.93
CA VAL A 340 -12.75 14.38 -13.68
C VAL A 340 -11.78 13.19 -13.83
N PHE A 341 -11.86 12.51 -14.97
CA PHE A 341 -10.93 11.42 -15.29
C PHE A 341 -9.49 11.91 -15.18
N THR A 342 -9.22 13.02 -15.86
CA THR A 342 -7.87 13.60 -15.92
C THR A 342 -7.42 14.12 -14.55
N GLU A 343 -8.35 14.66 -13.77
CA GLU A 343 -8.07 15.03 -12.39
C GLU A 343 -7.66 13.81 -11.56
N ALA A 344 -8.39 12.70 -11.71
CA ALA A 344 -8.07 11.48 -10.99
C ALA A 344 -6.71 10.95 -11.43
N MET A 345 -6.48 10.91 -12.73
CA MET A 345 -5.21 10.40 -13.26
C MET A 345 -4.02 11.23 -12.78
N THR A 346 -4.20 12.55 -12.72
CA THR A 346 -3.18 13.49 -12.22
C THR A 346 -2.86 13.26 -10.75
N ARG A 347 -3.89 13.07 -9.92
CA ARG A 347 -3.66 12.74 -8.52
C ARG A 347 -2.84 11.45 -8.37
N TYR A 348 -3.03 10.51 -9.30
CA TYR A 348 -2.27 9.26 -9.30
C TYR A 348 -0.86 9.40 -9.95
N SER A 349 -0.47 10.63 -10.31
CA SER A 349 0.85 10.99 -10.86
C SER A 349 0.94 10.98 -12.38
N ALA A 350 -0.17 10.75 -13.08
CA ALA A 350 -0.15 10.59 -14.54
C ALA A 350 -0.96 11.68 -15.25
N PRO A 351 -0.46 12.93 -15.24
CA PRO A 351 -1.16 13.97 -16.00
C PRO A 351 -1.01 13.72 -17.49
N PRO A 352 -1.91 14.32 -18.31
CA PRO A 352 -1.83 14.09 -19.74
C PRO A 352 -0.85 15.03 -20.41
N GLY A 353 -0.30 14.60 -21.55
CA GLY A 353 0.47 15.50 -22.41
C GLY A 353 -0.47 16.47 -23.09
N ASP A 354 -1.51 15.93 -23.72
CA ASP A 354 -2.61 16.70 -24.29
C ASP A 354 -3.89 16.29 -23.58
N PRO A 355 -4.79 17.24 -23.27
CA PRO A 355 -6.01 16.83 -22.57
C PRO A 355 -6.87 15.90 -23.44
N PRO A 356 -7.52 14.91 -22.81
CA PRO A 356 -8.29 13.94 -23.61
C PRO A 356 -9.54 14.57 -24.21
N GLN A 357 -9.91 14.11 -25.40
CA GLN A 357 -11.08 14.60 -26.11
C GLN A 357 -12.04 13.45 -26.39
N PRO A 358 -13.31 13.60 -26.02
CA PRO A 358 -14.28 12.55 -26.32
C PRO A 358 -14.55 12.47 -27.82
N GLU A 359 -14.64 11.26 -28.36
CA GLU A 359 -14.90 11.09 -29.79
C GLU A 359 -16.14 10.21 -29.99
N TYR A 360 -16.93 10.57 -31.00
CA TYR A 360 -18.18 9.88 -31.31
C TYR A 360 -18.10 9.19 -32.67
N ASP A 361 -16.87 9.04 -33.18
CA ASP A 361 -16.56 8.21 -34.32
C ASP A 361 -15.27 7.44 -34.01
N LEU A 362 -15.34 6.12 -34.15
CA LEU A 362 -14.23 5.23 -33.82
C LEU A 362 -12.93 5.62 -34.54
N GLU A 363 -13.06 5.97 -35.82
CA GLU A 363 -11.91 6.26 -36.68
C GLU A 363 -11.14 7.51 -36.25
N LEU A 364 -11.75 8.40 -35.47
CA LEU A 364 -11.11 9.64 -35.03
C LEU A 364 -10.27 9.48 -33.75
N ILE A 365 -10.23 8.27 -33.20
CA ILE A 365 -9.42 7.96 -32.03
C ILE A 365 -8.06 7.44 -32.49
N THR A 366 -6.99 8.11 -32.05
CA THR A 366 -5.63 7.69 -32.35
C THR A 366 -4.96 7.11 -31.10
N SER A 367 -4.30 5.96 -31.25
CA SER A 367 -3.62 5.32 -30.13
C SER A 367 -2.52 4.39 -30.64
N CYS A 368 -1.37 4.43 -29.97
CA CYS A 368 -0.14 3.85 -30.50
C CYS A 368 0.08 4.39 -31.93
N SER A 369 -0.14 5.69 -32.09
CA SER A 369 -0.02 6.39 -33.37
C SER A 369 -0.95 5.90 -34.50
N SER A 370 -1.94 5.07 -34.16
CA SER A 370 -2.78 4.40 -35.16
C SER A 370 -4.24 4.77 -35.01
N ASN A 371 -4.98 4.66 -36.10
CA ASN A 371 -6.42 4.80 -36.09
C ASN A 371 -7.05 3.75 -36.99
N VAL A 372 -8.31 3.44 -36.74
CA VAL A 372 -9.07 2.54 -37.59
C VAL A 372 -9.52 3.27 -38.84
N SER A 373 -9.45 2.60 -39.97
CA SER A 373 -10.09 3.09 -41.19
C SER A 373 -10.79 1.93 -41.88
N VAL A 374 -11.47 2.22 -42.99
CA VAL A 374 -12.24 1.19 -43.68
C VAL A 374 -11.84 1.16 -45.17
N ALA A 375 -11.72 -0.05 -45.68
CA ALA A 375 -11.54 -0.29 -47.11
C ALA A 375 -12.53 -1.35 -47.54
N HIS A 376 -12.42 -1.82 -48.78
CA HIS A 376 -13.31 -2.86 -49.29
C HIS A 376 -12.52 -4.02 -49.87
N ASP A 377 -13.00 -5.25 -49.66
CA ASP A 377 -12.37 -6.44 -50.24
C ASP A 377 -12.83 -6.67 -51.68
N ALA A 378 -12.43 -7.80 -52.26
CA ALA A 378 -12.77 -8.13 -53.65
C ALA A 378 -14.27 -8.15 -53.89
N SER A 379 -15.02 -8.67 -52.92
CA SER A 379 -16.50 -8.74 -53.01
C SER A 379 -17.20 -7.40 -52.81
N GLY A 380 -16.48 -6.37 -52.40
CA GLY A 380 -17.07 -5.06 -52.14
C GLY A 380 -17.51 -4.85 -50.70
N LYS A 381 -17.40 -5.89 -49.89
CA LYS A 381 -17.76 -5.82 -48.47
C LYS A 381 -16.75 -4.96 -47.70
N ARG A 382 -17.22 -4.27 -46.67
CA ARG A 382 -16.37 -3.41 -45.85
C ARG A 382 -15.39 -4.21 -45.00
N VAL A 383 -14.14 -3.73 -44.95
CA VAL A 383 -13.11 -4.31 -44.10
C VAL A 383 -12.44 -3.22 -43.27
N TYR A 384 -12.43 -3.41 -41.96
CA TYR A 384 -11.75 -2.48 -41.05
C TYR A 384 -10.29 -2.89 -40.87
N TYR A 385 -9.42 -1.89 -40.76
CA TYR A 385 -7.99 -2.13 -40.59
C TYR A 385 -7.38 -0.96 -39.85
N LEU A 386 -6.21 -1.17 -39.27
CA LEU A 386 -5.48 -0.13 -38.57
C LEU A 386 -4.39 0.47 -39.47
N THR A 387 -4.38 1.79 -39.56
CA THR A 387 -3.41 2.53 -40.33
C THR A 387 -2.72 3.55 -39.42
N ARG A 388 -1.82 4.33 -40.01
CA ARG A 388 -1.23 5.48 -39.32
C ARG A 388 -0.77 6.52 -40.34
N ASP A 389 -0.38 7.68 -39.84
CA ASP A 389 0.27 8.68 -40.66
C ASP A 389 1.58 8.06 -41.13
N PRO A 390 1.83 8.04 -42.45
CA PRO A 390 2.98 7.33 -43.00
C PRO A 390 4.30 8.11 -42.94
N THR A 391 4.29 9.32 -42.38
CA THR A 391 5.46 10.19 -42.39
C THR A 391 6.70 9.52 -41.78
N THR A 392 6.59 9.02 -40.56
CA THR A 392 7.73 8.41 -39.88
C THR A 392 8.17 7.10 -40.54
N PRO A 393 7.22 6.21 -40.87
CA PRO A 393 7.61 5.02 -41.65
C PRO A 393 8.39 5.34 -42.93
N LEU A 394 8.01 6.41 -43.63
CA LEU A 394 8.65 6.79 -44.89
C LEU A 394 10.02 7.44 -44.70
N ALA A 395 10.16 8.26 -43.66
CA ALA A 395 11.46 8.82 -43.29
C ALA A 395 12.46 7.72 -42.92
N ARG A 396 12.00 6.75 -42.15
CA ARG A 396 12.84 5.62 -41.75
C ARG A 396 13.21 4.74 -42.93
N ALA A 397 12.25 4.51 -43.82
CA ALA A 397 12.49 3.76 -45.06
C ALA A 397 13.59 4.42 -45.92
N ALA A 398 13.54 5.74 -46.05
CA ALA A 398 14.57 6.51 -46.78
C ALA A 398 15.96 6.35 -46.18
N TRP A 399 16.05 6.38 -44.85
CA TRP A 399 17.32 6.16 -44.15
C TRP A 399 17.83 4.73 -44.41
N GLU A 400 16.95 3.75 -44.26
CA GLU A 400 17.29 2.34 -44.46
C GLU A 400 17.58 1.98 -45.92
N THR A 401 17.13 2.83 -46.85
CA THR A 401 17.46 2.67 -48.26
C THR A 401 18.98 2.84 -48.49
N ALA A 402 19.60 3.76 -47.75
CA ALA A 402 21.02 4.07 -47.89
C ALA A 402 21.92 3.47 -46.81
N ARG A 403 21.37 3.13 -45.64
CA ARG A 403 22.16 2.61 -44.51
C ARG A 403 21.54 1.36 -43.91
N HIS A 404 22.34 0.34 -43.66
CA HIS A 404 21.89 -0.86 -42.96
C HIS A 404 21.79 -0.59 -41.46
N THR A 405 20.63 -0.83 -40.87
CA THR A 405 20.37 -0.52 -39.46
C THR A 405 20.10 -1.76 -38.59
N PRO A 406 20.23 -1.62 -37.25
CA PRO A 406 19.90 -2.71 -36.30
C PRO A 406 18.48 -3.28 -36.48
N VAL A 407 17.49 -2.40 -36.58
CA VAL A 407 16.12 -2.76 -36.85
C VAL A 407 15.80 -2.38 -38.29
N ASN A 408 15.12 -3.26 -39.01
CA ASN A 408 14.65 -2.96 -40.36
C ASN A 408 13.20 -2.54 -40.25
N SER A 409 12.97 -1.28 -39.91
CA SER A 409 11.61 -0.80 -39.63
C SER A 409 10.66 -0.97 -40.82
N TRP A 410 11.20 -0.88 -42.04
CA TRP A 410 10.38 -1.09 -43.24
C TRP A 410 9.72 -2.47 -43.26
N LEU A 411 10.45 -3.49 -42.82
CA LEU A 411 9.93 -4.86 -42.77
C LEU A 411 8.86 -5.03 -41.70
N GLY A 412 9.12 -4.49 -40.51
CA GLY A 412 8.11 -4.48 -39.45
C GLY A 412 6.87 -3.72 -39.86
N ASN A 413 7.06 -2.59 -40.53
CA ASN A 413 5.93 -1.78 -41.00
C ASN A 413 5.09 -2.48 -42.05
N ILE A 414 5.74 -3.24 -42.94
CA ILE A 414 5.01 -4.03 -43.94
C ILE A 414 4.17 -5.13 -43.29
N ILE A 415 4.72 -5.78 -42.27
CA ILE A 415 4.03 -6.82 -41.54
C ILE A 415 2.86 -6.27 -40.71
N MET A 416 3.12 -5.18 -39.99
CA MET A 416 2.13 -4.66 -39.03
C MET A 416 1.06 -3.78 -39.69
N TYR A 417 1.40 -3.13 -40.80
CA TYR A 417 0.48 -2.28 -41.54
C TYR A 417 0.26 -2.77 -42.99
N ALA A 418 0.40 -4.09 -43.19
CA ALA A 418 0.24 -4.73 -44.51
C ALA A 418 -1.03 -4.37 -45.28
N PRO A 419 -2.16 -4.15 -44.60
CA PRO A 419 -3.40 -3.79 -45.32
C PRO A 419 -3.47 -2.35 -45.79
N THR A 420 -2.52 -1.51 -45.38
CA THR A 420 -2.60 -0.07 -45.65
C THR A 420 -2.22 0.25 -47.09
N LEU A 421 -2.79 1.34 -47.58
CA LEU A 421 -2.54 1.86 -48.91
C LEU A 421 -1.04 2.15 -49.11
N TRP A 422 -0.43 2.74 -48.09
CA TRP A 422 0.95 3.21 -48.16
C TRP A 422 1.98 2.09 -48.02
N ALA A 423 1.72 1.11 -47.15
CA ALA A 423 2.63 -0.03 -47.00
C ALA A 423 2.67 -0.91 -48.25
N ARG A 424 1.54 -1.06 -48.92
CA ARG A 424 1.43 -1.93 -50.08
C ARG A 424 1.99 -1.29 -51.34
N MET A 425 1.65 -0.02 -51.55
CA MET A 425 2.03 0.66 -52.79
C MET A 425 3.45 1.18 -52.73
N ILE A 426 3.92 1.61 -51.56
CA ILE A 426 5.24 2.23 -51.45
C ILE A 426 6.31 1.31 -50.85
N LEU A 427 6.11 0.85 -49.63
CA LEU A 427 7.12 0.05 -48.94
C LEU A 427 7.38 -1.29 -49.62
N MET A 428 6.32 -2.03 -49.93
CA MET A 428 6.46 -3.31 -50.64
C MET A 428 7.15 -3.12 -51.99
N THR A 429 6.70 -2.13 -52.75
CA THR A 429 7.22 -1.89 -54.09
C THR A 429 8.69 -1.47 -54.04
N HIS A 430 9.02 -0.54 -53.16
CA HIS A 430 10.37 -0.02 -53.07
C HIS A 430 11.39 -1.07 -52.62
N PHE A 431 11.10 -1.75 -51.51
CA PHE A 431 12.07 -2.68 -50.93
C PHE A 431 12.19 -4.00 -51.68
N PHE A 432 11.09 -4.51 -52.23
CA PHE A 432 11.21 -5.72 -53.07
C PHE A 432 12.05 -5.47 -54.32
N SER A 433 11.96 -4.26 -54.87
CA SER A 433 12.84 -3.86 -55.98
C SER A 433 14.31 -3.92 -55.56
N ILE A 434 14.59 -3.39 -54.36
CA ILE A 434 15.93 -3.43 -53.78
C ILE A 434 16.42 -4.86 -53.53
N LEU A 435 15.56 -5.67 -52.93
CA LEU A 435 15.89 -7.07 -52.63
C LEU A 435 16.18 -7.86 -53.90
N LEU A 436 15.34 -7.66 -54.93
CA LEU A 436 15.53 -8.31 -56.23
C LEU A 436 16.89 -7.95 -56.85
N ALA A 437 17.19 -6.66 -56.85
CA ALA A 437 18.45 -6.17 -57.44
C ALA A 437 19.68 -6.79 -56.79
N GLN A 438 19.60 -7.06 -55.48
CA GLN A 438 20.71 -7.68 -54.74
C GLN A 438 20.56 -9.20 -54.55
N GLU A 439 19.47 -9.77 -55.06
CA GLU A 439 19.15 -11.19 -54.88
C GLU A 439 19.20 -11.61 -53.41
N GLN A 440 18.55 -10.81 -52.56
CA GLN A 440 18.53 -11.04 -51.12
C GLN A 440 17.12 -11.33 -50.56
N LEU A 441 16.27 -11.91 -51.41
CA LEU A 441 14.90 -12.26 -51.00
C LEU A 441 14.88 -13.31 -49.88
N GLU A 442 15.85 -14.23 -49.89
CA GLU A 442 15.91 -15.32 -48.90
C GLU A 442 16.71 -14.95 -47.64
N LYS A 443 17.37 -13.80 -47.65
CA LYS A 443 18.17 -13.38 -46.50
C LYS A 443 17.28 -12.89 -45.36
N ALA A 444 17.37 -13.57 -44.22
CA ALA A 444 16.60 -13.20 -43.04
C ALA A 444 17.09 -11.88 -42.46
N LEU A 445 16.15 -11.03 -42.06
CA LEU A 445 16.47 -9.72 -41.50
C LEU A 445 15.86 -9.59 -40.10
N ASP A 446 16.55 -8.84 -39.23
CA ASP A 446 16.00 -8.54 -37.91
C ASP A 446 14.93 -7.46 -38.01
N CYS A 447 13.82 -7.68 -37.32
CA CYS A 447 12.79 -6.66 -37.17
C CYS A 447 12.02 -6.89 -35.89
N GLN A 448 11.20 -5.93 -35.51
CA GLN A 448 10.44 -6.00 -34.27
C GLN A 448 8.95 -5.97 -34.54
N ILE A 449 8.23 -6.92 -33.95
CA ILE A 449 6.77 -6.96 -33.98
C ILE A 449 6.31 -6.85 -32.53
N TYR A 450 5.59 -5.77 -32.21
CA TYR A 450 5.20 -5.45 -30.83
C TYR A 450 6.42 -5.37 -29.87
N GLY A 451 7.54 -4.88 -30.38
CA GLY A 451 8.77 -4.79 -29.59
C GLY A 451 9.50 -6.11 -29.36
N ALA A 452 9.01 -7.18 -29.98
CA ALA A 452 9.67 -8.49 -29.91
C ALA A 452 10.51 -8.69 -31.17
N CYS A 453 11.79 -8.99 -31.00
CA CYS A 453 12.72 -9.15 -32.12
C CYS A 453 12.54 -10.48 -32.83
N TYR A 454 12.43 -10.44 -34.16
CA TYR A 454 12.38 -11.65 -35.00
C TYR A 454 13.35 -11.55 -36.16
N SER A 455 13.74 -12.72 -36.67
CA SER A 455 14.52 -12.84 -37.90
C SER A 455 13.59 -13.41 -38.97
N ILE A 456 13.32 -12.62 -40.00
CA ILE A 456 12.30 -12.97 -40.99
C ILE A 456 12.83 -12.80 -42.41
N GLU A 457 12.57 -13.79 -43.26
CA GLU A 457 12.91 -13.73 -44.67
C GLU A 457 11.77 -13.05 -45.43
N PRO A 458 12.07 -12.01 -46.24
CA PRO A 458 11.04 -11.35 -47.04
C PRO A 458 10.14 -12.30 -47.85
N LEU A 459 10.70 -13.41 -48.32
CA LEU A 459 9.92 -14.44 -49.04
C LEU A 459 8.77 -15.03 -48.21
N ASP A 460 8.85 -14.95 -46.88
CA ASP A 460 7.79 -15.46 -46.00
C ASP A 460 6.67 -14.45 -45.70
N LEU A 461 6.74 -13.26 -46.28
CA LEU A 461 5.75 -12.22 -45.98
C LEU A 461 4.29 -12.59 -46.29
N PRO A 462 4.04 -13.27 -47.42
CA PRO A 462 2.64 -13.61 -47.73
C PRO A 462 1.93 -14.39 -46.62
N GLN A 463 2.54 -15.48 -46.15
CA GLN A 463 2.01 -16.29 -45.06
C GLN A 463 1.88 -15.49 -43.77
N ILE A 464 2.91 -14.72 -43.42
CA ILE A 464 2.89 -13.91 -42.21
C ILE A 464 1.75 -12.89 -42.27
N ILE A 465 1.54 -12.27 -43.43
CA ILE A 465 0.46 -11.29 -43.62
C ILE A 465 -0.94 -11.94 -43.51
N GLU A 466 -1.09 -13.13 -44.08
CA GLU A 466 -2.36 -13.85 -44.04
C GLU A 466 -2.77 -14.19 -42.60
N ARG A 467 -1.81 -14.64 -41.81
CA ARG A 467 -2.09 -15.06 -40.44
C ARG A 467 -2.37 -13.87 -39.51
N LEU A 468 -1.78 -12.71 -39.81
CA LEU A 468 -1.97 -11.49 -39.00
C LEU A 468 -3.17 -10.63 -39.40
N HIS A 469 -3.53 -10.66 -40.69
CA HIS A 469 -4.58 -9.78 -41.22
C HIS A 469 -5.69 -10.50 -42.01
N GLY A 470 -5.49 -11.77 -42.34
CA GLY A 470 -6.40 -12.48 -43.22
C GLY A 470 -6.09 -12.22 -44.68
N LEU A 471 -6.61 -13.07 -45.55
CA LEU A 471 -6.40 -12.98 -46.99
C LEU A 471 -6.88 -11.66 -47.59
N SER A 472 -7.82 -10.99 -46.92
CA SER A 472 -8.36 -9.70 -47.40
C SER A 472 -7.31 -8.61 -47.60
N ALA A 473 -6.22 -8.68 -46.84
CA ALA A 473 -5.14 -7.71 -46.90
C ALA A 473 -4.49 -7.62 -48.29
N PHE A 474 -4.63 -8.67 -49.11
CA PHE A 474 -4.10 -8.69 -50.47
C PHE A 474 -5.09 -8.21 -51.54
N SER A 475 -6.32 -7.87 -51.13
CA SER A 475 -7.31 -7.41 -52.10
C SER A 475 -8.11 -6.17 -51.68
N LEU A 476 -7.63 -5.45 -50.68
CA LEU A 476 -8.34 -4.24 -50.24
C LEU A 476 -8.27 -3.15 -51.32
N HIS A 477 -9.37 -2.46 -51.52
CA HIS A 477 -9.44 -1.31 -52.43
C HIS A 477 -10.50 -0.33 -51.92
N SER A 478 -10.77 0.73 -52.66
CA SER A 478 -11.71 1.76 -52.24
C SER A 478 -11.40 2.20 -50.80
N TYR A 479 -10.17 2.64 -50.60
CA TYR A 479 -9.77 3.27 -49.35
C TYR A 479 -10.58 4.57 -49.20
N SER A 480 -10.66 5.10 -47.99
CA SER A 480 -11.47 6.30 -47.74
C SER A 480 -10.80 7.56 -48.27
N PRO A 481 -11.60 8.59 -48.64
CA PRO A 481 -10.98 9.83 -49.14
C PRO A 481 -10.01 10.45 -48.14
N GLY A 482 -10.31 10.32 -46.84
CA GLY A 482 -9.47 10.89 -45.78
C GLY A 482 -8.13 10.18 -45.63
N GLU A 483 -8.13 8.86 -45.77
CA GLU A 483 -6.89 8.08 -45.73
C GLU A 483 -6.03 8.36 -46.96
N ILE A 484 -6.68 8.40 -48.13
CA ILE A 484 -5.99 8.69 -49.39
C ILE A 484 -5.36 10.08 -49.38
N ASN A 485 -6.11 11.07 -48.90
CA ASN A 485 -5.62 12.44 -48.84
C ASN A 485 -4.47 12.62 -47.86
N ARG A 486 -4.55 11.95 -46.70
CA ARG A 486 -3.44 11.99 -45.74
C ARG A 486 -2.16 11.44 -46.36
N VAL A 487 -2.28 10.29 -47.05
CA VAL A 487 -1.13 9.66 -47.70
C VAL A 487 -0.54 10.56 -48.79
N ALA A 488 -1.38 11.03 -49.70
CA ALA A 488 -0.94 11.87 -50.82
C ALA A 488 -0.33 13.20 -50.35
N SER A 489 -0.88 13.74 -49.26
CA SER A 489 -0.34 14.95 -48.64
C SER A 489 1.05 14.73 -48.01
N CYS A 490 1.24 13.56 -47.38
N CYS A 490 1.25 13.57 -47.39
CA CYS A 490 2.53 13.20 -46.82
CA CYS A 490 2.55 13.25 -46.81
C CYS A 490 3.60 13.02 -47.90
C CYS A 490 3.62 13.02 -47.89
N LEU A 491 3.21 12.43 -49.02
CA LEU A 491 4.14 12.24 -50.14
C LEU A 491 4.66 13.56 -50.71
N ARG A 492 3.75 14.52 -50.92
CA ARG A 492 4.15 15.86 -51.39
C ARG A 492 5.08 16.53 -50.36
N LYS A 493 4.73 16.41 -49.08
CA LYS A 493 5.53 16.98 -47.99
C LYS A 493 6.99 16.48 -48.00
N LEU A 494 7.18 15.18 -48.23
CA LEU A 494 8.50 14.57 -48.20
C LEU A 494 9.18 14.54 -49.59
N GLY A 495 8.45 14.91 -50.63
CA GLY A 495 8.95 14.78 -51.99
C GLY A 495 9.09 13.33 -52.41
N VAL A 496 8.15 12.50 -51.97
CA VAL A 496 8.03 11.12 -52.43
C VAL A 496 7.17 11.16 -53.69
N PRO A 497 7.51 10.35 -54.71
CA PRO A 497 6.68 10.31 -55.90
C PRO A 497 5.21 9.98 -55.58
N PRO A 498 4.28 10.49 -56.38
CA PRO A 498 2.85 10.21 -56.14
C PRO A 498 2.48 8.75 -56.39
N LEU A 499 1.35 8.33 -55.83
CA LEU A 499 0.92 6.93 -55.87
C LEU A 499 0.86 6.33 -57.28
N ARG A 500 0.52 7.17 -58.27
CA ARG A 500 0.43 6.69 -59.65
C ARG A 500 1.78 6.21 -60.18
N VAL A 501 2.87 6.79 -59.68
CA VAL A 501 4.21 6.33 -60.05
C VAL A 501 4.46 4.95 -59.41
N TRP A 502 4.02 4.78 -58.18
CA TRP A 502 4.21 3.51 -57.47
C TRP A 502 3.42 2.36 -58.11
N ARG A 503 2.24 2.67 -58.64
CA ARG A 503 1.43 1.71 -59.40
C ARG A 503 2.20 1.21 -60.63
N HIS A 504 2.84 2.13 -61.34
CA HIS A 504 3.69 1.78 -62.49
C HIS A 504 4.87 0.91 -62.07
N ARG A 505 5.56 1.31 -60.99
CA ARG A 505 6.71 0.56 -60.51
C ARG A 505 6.38 -0.85 -60.02
N ALA A 506 5.19 -1.02 -59.44
CA ALA A 506 4.78 -2.30 -58.87
C ALA A 506 4.53 -3.36 -59.93
N ARG A 507 4.03 -2.93 -61.09
CA ARG A 507 3.85 -3.84 -62.22
C ARG A 507 5.16 -4.50 -62.59
N SER A 508 6.19 -3.68 -62.73
CA SER A 508 7.56 -4.15 -63.00
C SER A 508 8.05 -5.13 -61.94
N VAL A 509 7.96 -4.72 -60.68
CA VAL A 509 8.42 -5.53 -59.57
C VAL A 509 7.65 -6.85 -59.48
N ARG A 510 6.34 -6.79 -59.69
CA ARG A 510 5.51 -7.99 -59.78
C ARG A 510 5.99 -8.91 -60.90
N ALA A 511 6.22 -8.34 -62.08
CA ALA A 511 6.65 -9.11 -63.23
C ALA A 511 8.01 -9.76 -62.98
N ARG A 512 8.89 -9.02 -62.31
CA ARG A 512 10.20 -9.55 -61.94
C ARG A 512 10.10 -10.72 -60.96
N LEU A 513 9.20 -10.60 -59.98
CA LEU A 513 8.97 -11.66 -59.00
C LEU A 513 8.37 -12.93 -59.61
N LEU A 514 7.31 -12.75 -60.42
CA LEU A 514 6.68 -13.87 -61.12
C LEU A 514 7.66 -14.65 -61.98
N SER A 515 8.62 -13.93 -62.58
CA SER A 515 9.63 -14.53 -63.44
C SER A 515 10.58 -15.50 -62.73
N GLN A 516 10.81 -15.33 -61.43
CA GLN A 516 11.75 -16.19 -60.69
C GLN A 516 11.11 -17.49 -60.20
N GLY A 517 9.80 -17.63 -60.38
CA GLY A 517 9.08 -18.81 -59.92
C GLY A 517 9.06 -18.93 -58.40
N GLY A 518 8.69 -20.12 -57.92
CA GLY A 518 8.80 -20.47 -56.50
C GLY A 518 8.19 -19.48 -55.53
N ARG A 519 8.77 -19.40 -54.33
CA ARG A 519 8.31 -18.48 -53.29
C ARG A 519 8.34 -17.03 -53.75
N ALA A 520 9.29 -16.70 -54.62
CA ALA A 520 9.37 -15.34 -55.16
C ALA A 520 8.10 -14.99 -55.92
N ALA A 521 7.69 -15.88 -56.82
CA ALA A 521 6.47 -15.69 -57.61
C ALA A 521 5.22 -15.57 -56.71
N THR A 522 5.20 -16.33 -55.62
CA THR A 522 4.12 -16.24 -54.63
C THR A 522 4.05 -14.85 -54.01
N CYS A 523 5.21 -14.21 -53.79
CA CYS A 523 5.22 -12.82 -53.34
C CYS A 523 4.63 -11.89 -54.40
N GLY A 524 4.97 -12.16 -55.67
CA GLY A 524 4.43 -11.40 -56.79
C GLY A 524 2.92 -11.52 -56.87
N LYS A 525 2.43 -12.75 -56.77
CA LYS A 525 1.00 -13.04 -56.88
C LYS A 525 0.14 -12.38 -55.79
N TYR A 526 0.60 -12.43 -54.55
CA TYR A 526 -0.22 -12.00 -53.40
C TYR A 526 0.02 -10.56 -52.98
N LEU A 527 1.29 -10.19 -52.82
CA LEU A 527 1.64 -8.83 -52.39
C LEU A 527 1.33 -7.77 -53.42
N PHE A 528 1.34 -8.13 -54.70
CA PHE A 528 1.16 -7.15 -55.78
C PHE A 528 -0.07 -7.39 -56.66
N ASN A 529 -1.02 -8.19 -56.19
CA ASN A 529 -2.27 -8.40 -56.93
C ASN A 529 -3.10 -7.12 -57.08
N TRP A 530 -2.87 -6.15 -56.21
CA TRP A 530 -3.47 -4.82 -56.33
C TRP A 530 -3.03 -4.04 -57.56
N ALA A 531 -1.89 -4.42 -58.15
CA ALA A 531 -1.28 -3.65 -59.24
C ALA A 531 -1.70 -4.10 -60.65
N VAL A 532 -2.31 -5.28 -60.76
CA VAL A 532 -2.81 -5.77 -62.05
C VAL A 532 -4.32 -5.60 -62.16
N LYS A 533 -4.78 -5.27 -63.36
CA LYS A 533 -6.21 -5.04 -63.62
C LYS A 533 -6.96 -6.36 -63.72
N THR A 534 -6.36 -7.31 -64.44
CA THR A 534 -6.88 -8.66 -64.54
C THR A 534 -6.36 -9.46 -63.34
N LYS A 535 -7.19 -9.55 -62.31
CA LYS A 535 -6.78 -10.09 -61.02
C LYS A 535 -6.65 -11.63 -61.04
N LEU A 536 -5.69 -12.14 -60.27
CA LEU A 536 -5.53 -13.58 -60.06
C LEU A 536 -6.20 -14.00 -58.77
N LYS A 537 -6.98 -15.08 -58.83
CA LYS A 537 -7.71 -15.59 -57.66
C LYS A 537 -6.75 -16.00 -56.55
N LEU A 538 -6.92 -15.37 -55.39
CA LEU A 538 -6.07 -15.63 -54.24
C LEU A 538 -6.75 -16.63 -53.32
N THR A 539 -6.09 -17.77 -53.14
CA THR A 539 -6.57 -18.83 -52.27
C THR A 539 -5.56 -18.94 -51.15
N PRO A 540 -5.84 -19.77 -50.13
CA PRO A 540 -4.81 -19.99 -49.11
C PRO A 540 -3.45 -20.34 -49.71
N ILE A 541 -2.40 -19.79 -49.10
CA ILE A 541 -1.06 -19.82 -49.68
C ILE A 541 -0.41 -21.20 -49.68
N PRO A 542 -0.39 -21.89 -48.51
CA PRO A 542 0.26 -23.21 -48.46
C PRO A 542 -0.56 -24.28 -49.15
N VAL A 554 0.05 -13.33 -27.95
CA VAL A 554 -0.01 -14.78 -27.99
C VAL A 554 1.27 -15.40 -27.41
N ALA A 555 2.42 -14.99 -27.96
CA ALA A 555 3.73 -15.51 -27.53
C ALA A 555 4.12 -14.95 -26.16
N GLY A 556 3.94 -13.64 -25.99
CA GLY A 556 3.95 -13.00 -24.68
C GLY A 556 5.27 -12.35 -24.28
N TYR A 557 5.94 -11.69 -25.21
CA TYR A 557 7.21 -11.02 -24.88
C TYR A 557 7.41 -9.71 -25.65
N SER A 558 6.89 -8.63 -25.08
CA SER A 558 7.13 -7.29 -25.62
C SER A 558 8.37 -6.67 -25.00
N GLY A 559 9.07 -5.84 -25.76
CA GLY A 559 10.24 -5.10 -25.30
C GLY A 559 11.25 -5.90 -24.48
N GLY A 560 11.96 -5.21 -23.61
CA GLY A 560 12.85 -5.83 -22.62
C GLY A 560 13.77 -6.92 -23.14
N ASP A 561 14.23 -6.79 -24.39
CA ASP A 561 15.34 -7.61 -24.88
C ASP A 561 14.93 -9.08 -25.12
N ILE A 562 13.97 -9.30 -26.02
CA ILE A 562 13.44 -10.65 -26.28
C ILE A 562 13.50 -11.05 -27.76
N TYR A 563 13.90 -12.29 -28.01
CA TYR A 563 14.09 -12.81 -29.38
C TYR A 563 13.49 -14.20 -29.53
N HIS A 564 12.97 -14.49 -30.73
CA HIS A 564 12.45 -15.82 -31.05
C HIS A 564 12.90 -16.32 -32.43
N SER A 565 13.19 -17.62 -32.50
CA SER A 565 13.70 -18.25 -33.72
C SER A 565 12.54 -18.62 -34.65
N SER B 3 -16.72 2.10 2.46
CA SER B 3 -16.73 0.91 3.36
C SER B 3 -17.37 1.26 4.71
N MET B 4 -18.51 0.62 5.01
CA MET B 4 -19.20 0.80 6.29
C MET B 4 -18.48 0.04 7.41
N SER B 5 -18.22 0.74 8.50
CA SER B 5 -17.55 0.14 9.66
C SER B 5 -18.27 -1.15 10.13
N TYR B 6 -19.60 -1.10 10.14
CA TYR B 6 -20.44 -2.27 10.44
C TYR B 6 -21.67 -2.34 9.54
N THR B 7 -22.16 -3.56 9.35
CA THR B 7 -23.50 -3.82 8.79
C THR B 7 -24.28 -4.59 9.86
N TRP B 8 -25.56 -4.24 10.04
CA TRP B 8 -26.38 -4.87 11.08
C TRP B 8 -27.59 -5.61 10.51
N THR B 9 -27.98 -6.70 11.18
CA THR B 9 -29.17 -7.49 10.80
C THR B 9 -30.44 -7.09 11.57
N GLY B 10 -30.28 -6.42 12.70
CA GLY B 10 -31.42 -6.11 13.57
C GLY B 10 -31.52 -6.98 14.82
N ALA B 11 -30.89 -8.14 14.81
CA ALA B 11 -30.79 -8.96 16.02
C ALA B 11 -30.08 -8.16 17.11
N LEU B 12 -30.61 -8.22 18.33
CA LEU B 12 -30.08 -7.43 19.42
C LEU B 12 -28.74 -7.97 19.90
N ILE B 13 -27.95 -7.09 20.49
CA ILE B 13 -26.77 -7.47 21.26
C ILE B 13 -27.28 -7.78 22.67
N THR B 14 -27.13 -9.04 23.07
CA THR B 14 -27.79 -9.57 24.24
C THR B 14 -26.83 -9.74 25.41
N PRO B 15 -27.34 -9.63 26.65
CA PRO B 15 -26.52 -9.87 27.83
C PRO B 15 -26.23 -11.35 27.99
N CYS B 16 -25.17 -11.69 28.72
CA CYS B 16 -24.87 -13.10 29.02
C CYS B 16 -25.13 -13.43 30.48
N ALA B 17 -25.58 -12.43 31.24
CA ALA B 17 -26.03 -12.60 32.61
C ALA B 17 -26.82 -11.37 33.04
N ALA B 18 -27.35 -11.41 34.25
CA ALA B 18 -28.07 -10.27 34.82
C ALA B 18 -27.20 -9.02 34.81
N GLU B 19 -27.80 -7.88 34.46
CA GLU B 19 -27.10 -6.59 34.45
C GLU B 19 -27.77 -5.63 35.43
N GLU B 20 -26.96 -4.93 36.20
CA GLU B 20 -27.42 -3.90 37.11
C GLU B 20 -27.04 -2.54 36.55
N SER B 21 -28.02 -1.63 36.46
CA SER B 21 -27.76 -0.25 36.04
C SER B 21 -27.66 0.69 37.24
N LYS B 22 -28.47 0.42 38.27
CA LYS B 22 -28.55 1.26 39.47
C LYS B 22 -27.48 0.88 40.49
N LEU B 23 -26.97 1.88 41.20
CA LEU B 23 -25.91 1.68 42.20
C LEU B 23 -26.37 0.75 43.34
N PRO B 24 -25.68 -0.39 43.51
CA PRO B 24 -25.96 -1.24 44.66
C PRO B 24 -25.59 -0.56 45.97
N ILE B 25 -26.42 -0.73 46.99
CA ILE B 25 -26.20 -0.10 48.29
C ILE B 25 -26.05 -1.16 49.36
N ASN B 26 -25.09 -0.94 50.28
CA ASN B 26 -24.97 -1.77 51.47
C ASN B 26 -24.66 -0.89 52.69
N ALA B 27 -24.27 -1.49 53.80
CA ALA B 27 -24.03 -0.76 55.05
C ALA B 27 -22.84 0.21 54.98
N LEU B 28 -21.94 -0.01 54.02
CA LEU B 28 -20.73 0.82 53.85
C LEU B 28 -20.89 1.95 52.83
N SER B 29 -22.00 1.94 52.07
CA SER B 29 -22.16 2.84 50.92
C SER B 29 -22.16 4.31 51.30
N ASN B 30 -22.94 4.67 52.32
CA ASN B 30 -23.06 6.07 52.73
C ASN B 30 -21.79 6.67 53.33
N SER B 31 -20.89 5.82 53.82
CA SER B 31 -19.61 6.31 54.35
C SER B 31 -18.71 6.87 53.25
N LEU B 32 -18.89 6.42 52.01
CA LEU B 32 -18.12 6.91 50.86
C LEU B 32 -18.87 7.96 50.04
N LEU B 33 -20.12 7.68 49.70
CA LEU B 33 -20.85 8.45 48.69
C LEU B 33 -22.35 8.43 48.99
N ARG B 34 -22.97 9.62 49.03
CA ARG B 34 -24.39 9.75 49.40
C ARG B 34 -25.33 9.98 48.22
N HIS B 35 -24.87 10.70 47.19
CA HIS B 35 -25.72 10.98 46.02
C HIS B 35 -25.73 9.77 45.07
N HIS B 36 -26.49 8.74 45.44
CA HIS B 36 -26.43 7.44 44.76
C HIS B 36 -26.98 7.47 43.34
N ASN B 37 -28.05 8.25 43.12
CA ASN B 37 -28.68 8.28 41.80
C ASN B 37 -27.82 8.95 40.70
N MET B 38 -26.69 9.53 41.09
CA MET B 38 -25.72 10.06 40.12
C MET B 38 -24.79 8.99 39.54
N VAL B 39 -24.65 7.85 40.22
CA VAL B 39 -23.79 6.76 39.74
C VAL B 39 -24.62 5.69 39.04
N TYR B 40 -24.16 5.26 37.87
CA TYR B 40 -24.87 4.24 37.10
C TYR B 40 -23.89 3.30 36.37
N ALA B 41 -24.41 2.17 35.91
CA ALA B 41 -23.65 1.25 35.06
C ALA B 41 -24.32 1.14 33.69
N THR B 42 -23.50 1.02 32.65
CA THR B 42 -24.01 0.80 31.29
C THR B 42 -24.45 -0.66 31.16
N THR B 43 -25.47 -0.88 30.33
CA THR B 43 -25.95 -2.24 30.05
C THR B 43 -26.24 -2.42 28.58
N SER B 44 -26.51 -3.66 28.18
CA SER B 44 -26.90 -3.98 26.82
C SER B 44 -28.10 -3.18 26.27
N ARG B 45 -28.92 -2.62 27.17
N ARG B 45 -28.90 -2.65 27.19
CA ARG B 45 -30.08 -1.84 26.73
CA ARG B 45 -30.04 -1.78 26.88
C ARG B 45 -29.71 -0.56 25.97
C ARG B 45 -29.70 -0.60 25.98
N SER B 46 -28.49 -0.08 26.12
CA SER B 46 -28.01 1.07 25.32
C SER B 46 -27.11 0.65 24.14
N ALA B 47 -26.96 -0.66 23.92
CA ALA B 47 -26.15 -1.17 22.81
C ALA B 47 -26.59 -0.60 21.48
N GLY B 48 -27.91 -0.51 21.28
CA GLY B 48 -28.50 0.05 20.08
C GLY B 48 -28.04 1.48 19.79
N GLN B 49 -27.87 2.26 20.85
CA GLN B 49 -27.41 3.64 20.74
C GLN B 49 -25.94 3.70 20.31
N ARG B 50 -25.11 2.87 20.93
CA ARG B 50 -23.70 2.79 20.54
C ARG B 50 -23.57 2.35 19.08
N GLN B 51 -24.36 1.35 18.68
CA GLN B 51 -24.35 0.85 17.29
C GLN B 51 -24.49 1.96 16.28
N LYS B 52 -25.37 2.92 16.56
CA LYS B 52 -25.55 4.06 15.65
C LYS B 52 -24.29 4.92 15.58
N LYS B 53 -23.68 5.19 16.72
CA LYS B 53 -22.49 6.05 16.78
C LYS B 53 -21.30 5.45 16.03
N VAL B 54 -21.11 4.15 16.15
CA VAL B 54 -19.92 3.48 15.60
C VAL B 54 -20.08 3.00 14.16
N THR B 55 -21.25 3.24 13.56
CA THR B 55 -21.54 2.76 12.20
C THR B 55 -21.48 3.90 11.19
N PHE B 56 -20.44 3.92 10.38
CA PHE B 56 -20.30 4.96 9.34
C PHE B 56 -19.35 4.54 8.22
N ASP B 57 -19.39 5.32 7.14
CA ASP B 57 -18.61 5.07 5.95
C ASP B 57 -17.23 5.67 6.16
N ARG B 58 -16.18 4.91 5.85
CA ARG B 58 -14.80 5.39 5.93
C ARG B 58 -14.22 5.62 4.55
N LEU B 59 -13.78 6.85 4.32
CA LEU B 59 -13.05 7.22 3.11
C LEU B 59 -11.61 7.48 3.52
N GLN B 60 -10.66 7.13 2.66
CA GLN B 60 -9.26 7.28 2.96
C GLN B 60 -8.48 7.76 1.77
N VAL B 61 -7.70 8.83 1.96
CA VAL B 61 -6.82 9.38 0.95
C VAL B 61 -5.39 9.37 1.49
N LEU B 62 -4.52 8.57 0.85
CA LEU B 62 -3.16 8.38 1.34
C LEU B 62 -2.13 9.08 0.44
N ASP B 63 -1.34 9.95 1.05
CA ASP B 63 -0.35 10.76 0.34
C ASP B 63 1.08 10.29 0.63
N ASP B 64 2.06 11.08 0.19
CA ASP B 64 3.46 10.68 0.28
C ASP B 64 3.97 10.74 1.73
N HIS B 65 3.49 11.70 2.52
CA HIS B 65 3.86 11.76 3.95
C HIS B 65 3.54 10.44 4.64
N TYR B 66 2.34 9.92 4.37
CA TYR B 66 1.89 8.66 4.92
C TYR B 66 2.82 7.51 4.53
N ARG B 67 3.12 7.40 3.23
CA ARG B 67 3.98 6.32 2.76
C ARG B 67 5.43 6.50 3.23
N ASP B 68 5.90 7.74 3.33
CA ASP B 68 7.25 8.01 3.85
C ASP B 68 7.41 7.48 5.29
N VAL B 69 6.47 7.83 6.16
CA VAL B 69 6.53 7.39 7.55
C VAL B 69 6.43 5.87 7.60
N LEU B 70 5.53 5.29 6.80
CA LEU B 70 5.37 3.83 6.77
C LEU B 70 6.69 3.15 6.42
N LYS B 71 7.38 3.65 5.40
CA LYS B 71 8.65 3.07 5.01
C LYS B 71 9.67 3.10 6.15
N GLU B 72 9.67 4.20 6.91
CA GLU B 72 10.57 4.33 8.07
C GLU B 72 10.23 3.35 9.19
N MET B 73 8.93 3.17 9.44
CA MET B 73 8.48 2.23 10.46
C MET B 73 8.86 0.80 10.10
N LYS B 74 8.72 0.44 8.82
CA LYS B 74 9.07 -0.90 8.34
C LYS B 74 10.57 -1.17 8.46
N ALA B 75 11.38 -0.17 8.18
CA ALA B 75 12.86 -0.28 8.33
C ALA B 75 13.23 -0.68 9.76
N LYS B 76 12.59 -0.03 10.73
CA LYS B 76 12.82 -0.38 12.13
C LYS B 76 12.24 -1.76 12.45
N ALA B 77 11.06 -2.06 11.93
CA ALA B 77 10.40 -3.36 12.14
C ALA B 77 11.26 -4.53 11.64
N SER B 78 12.00 -4.30 10.56
N SER B 78 11.99 -4.31 10.56
CA SER B 78 12.87 -5.32 9.97
CA SER B 78 12.84 -5.36 9.99
C SER B 78 14.02 -5.74 10.87
C SER B 78 14.06 -5.72 10.84
N THR B 79 14.34 -4.92 11.88
CA THR B 79 15.41 -5.26 12.83
C THR B 79 14.92 -6.16 13.97
N VAL B 80 13.60 -6.37 14.05
CA VAL B 80 13.01 -7.16 15.13
C VAL B 80 12.99 -8.66 14.80
N LYS B 81 13.45 -9.48 15.75
CA LYS B 81 13.30 -10.93 15.66
C LYS B 81 12.33 -11.37 16.75
N ALA B 82 11.25 -12.05 16.35
CA ALA B 82 10.23 -12.48 17.29
C ALA B 82 10.11 -14.00 17.24
N LYS B 83 9.78 -14.60 18.38
CA LYS B 83 9.63 -16.04 18.45
C LYS B 83 8.18 -16.49 18.53
N LEU B 84 7.99 -17.74 18.15
CA LEU B 84 6.74 -18.45 18.27
C LEU B 84 6.62 -18.96 19.70
N LEU B 85 5.53 -18.62 20.39
CA LEU B 85 5.26 -19.20 21.71
C LEU B 85 4.72 -20.61 21.54
N SER B 86 5.09 -21.50 22.46
CA SER B 86 4.53 -22.85 22.49
C SER B 86 3.09 -22.77 23.00
N VAL B 87 2.30 -23.79 22.70
CA VAL B 87 0.92 -23.87 23.20
C VAL B 87 0.87 -23.63 24.71
N GLU B 88 1.83 -24.23 25.42
CA GLU B 88 1.89 -24.17 26.88
C GLU B 88 2.22 -22.78 27.41
N GLU B 89 3.16 -22.10 26.76
CA GLU B 89 3.46 -20.71 27.12
C GLU B 89 2.27 -19.79 26.90
N ALA B 90 1.58 -19.96 25.76
CA ALA B 90 0.39 -19.17 25.47
C ALA B 90 -0.73 -19.45 26.48
N CYS B 91 -0.87 -20.72 26.86
CA CYS B 91 -1.85 -21.12 27.88
C CYS B 91 -1.65 -20.40 29.21
N LYS B 92 -0.39 -20.29 29.65
CA LYS B 92 -0.08 -19.66 30.94
C LYS B 92 -0.29 -18.14 30.92
N LEU B 93 -0.32 -17.55 29.72
CA LEU B 93 -0.61 -16.11 29.59
C LEU B 93 -2.11 -15.82 29.59
N THR B 94 -2.93 -16.87 29.64
CA THR B 94 -4.38 -16.73 29.63
C THR B 94 -4.91 -16.36 31.03
N PRO B 95 -5.77 -15.32 31.11
CA PRO B 95 -6.38 -14.95 32.39
C PRO B 95 -7.35 -16.01 32.94
N PRO B 96 -7.29 -16.28 34.26
CA PRO B 96 -8.16 -17.27 34.92
C PRO B 96 -9.66 -17.08 34.72
N HIS B 97 -10.12 -15.83 34.65
CA HIS B 97 -11.56 -15.53 34.50
C HIS B 97 -11.90 -14.99 33.11
N SER B 98 -11.18 -15.48 32.10
CA SER B 98 -11.43 -15.15 30.70
C SER B 98 -12.52 -16.06 30.16
N ALA B 99 -13.29 -15.57 29.18
CA ALA B 99 -14.45 -16.29 28.65
C ALA B 99 -14.11 -17.71 28.17
N LYS B 100 -14.90 -18.68 28.61
CA LYS B 100 -14.68 -20.07 28.24
C LYS B 100 -14.91 -20.33 26.75
N SER B 101 -14.37 -21.44 26.25
CA SER B 101 -14.56 -21.83 24.86
C SER B 101 -15.99 -22.34 24.63
N LYS B 102 -16.48 -22.15 23.41
CA LYS B 102 -17.73 -22.77 22.98
C LYS B 102 -17.59 -24.29 22.87
N TYR B 103 -16.36 -24.78 22.75
CA TYR B 103 -16.10 -26.20 22.48
C TYR B 103 -15.68 -27.02 23.73
N GLY B 104 -16.23 -26.66 24.90
CA GLY B 104 -16.21 -27.54 26.07
C GLY B 104 -15.01 -27.48 27.00
N TYR B 105 -14.42 -26.30 27.15
CA TYR B 105 -13.35 -26.09 28.13
C TYR B 105 -13.25 -24.60 28.45
N GLY B 106 -12.69 -24.27 29.61
CA GLY B 106 -12.58 -22.87 30.07
C GLY B 106 -11.14 -22.41 30.24
N ALA B 107 -10.97 -21.24 30.83
CA ALA B 107 -9.64 -20.64 31.01
C ALA B 107 -8.74 -21.42 31.96
N LYS B 108 -9.31 -21.95 33.04
CA LYS B 108 -8.54 -22.73 34.02
C LYS B 108 -8.09 -24.08 33.44
N ASP B 109 -8.91 -24.66 32.57
CA ASP B 109 -8.51 -25.84 31.80
C ASP B 109 -7.27 -25.52 30.95
N VAL B 110 -7.33 -24.37 30.28
CA VAL B 110 -6.20 -23.88 29.47
C VAL B 110 -4.97 -23.71 30.35
N ARG B 111 -5.11 -22.98 31.45
CA ARG B 111 -4.00 -22.74 32.38
C ARG B 111 -3.41 -24.02 32.96
N ASN B 112 -4.25 -25.04 33.15
CA ASN B 112 -3.82 -26.34 33.67
C ASN B 112 -3.33 -27.30 32.60
N LEU B 113 -3.33 -26.86 31.35
CA LEU B 113 -2.90 -27.69 30.23
C LEU B 113 -3.72 -28.98 30.11
N SER B 114 -5.01 -28.91 30.46
CA SER B 114 -5.89 -30.08 30.34
C SER B 114 -5.88 -30.57 28.90
N SER B 115 -5.87 -31.90 28.73
CA SER B 115 -5.70 -32.50 27.41
C SER B 115 -6.77 -32.06 26.41
N ARG B 116 -8.01 -31.89 26.88
CA ARG B 116 -9.10 -31.43 26.00
C ARG B 116 -8.82 -30.05 25.43
N ALA B 117 -8.38 -29.13 26.29
CA ALA B 117 -8.08 -27.76 25.87
C ALA B 117 -6.90 -27.71 24.91
N VAL B 118 -5.82 -28.39 25.27
CA VAL B 118 -4.62 -28.43 24.43
C VAL B 118 -4.90 -29.08 23.06
N ASN B 119 -5.75 -30.12 23.04
CA ASN B 119 -6.14 -30.75 21.77
C ASN B 119 -6.86 -29.81 20.82
N HIS B 120 -7.84 -29.05 21.32
CA HIS B 120 -8.57 -28.11 20.48
CA HIS B 120 -8.58 -28.09 20.50
C HIS B 120 -7.69 -26.96 20.01
N ILE B 121 -6.80 -26.48 20.89
CA ILE B 121 -5.87 -25.40 20.54
C ILE B 121 -4.99 -25.84 19.36
N HIS B 122 -4.46 -27.06 19.41
CA HIS B 122 -3.68 -27.62 18.31
C HIS B 122 -4.47 -27.73 17.01
N SER B 123 -5.72 -28.18 17.06
CA SER B 123 -6.55 -28.21 15.86
C SER B 123 -6.85 -26.79 15.33
N VAL B 124 -7.01 -25.82 16.23
CA VAL B 124 -7.23 -24.43 15.80
C VAL B 124 -5.98 -23.88 15.09
N TRP B 125 -4.80 -24.18 15.63
CA TRP B 125 -3.53 -23.75 15.03
C TRP B 125 -3.35 -24.36 13.64
N LYS B 126 -3.51 -25.68 13.55
CA LYS B 126 -3.46 -26.38 12.27
C LYS B 126 -4.39 -25.77 11.24
N ASP B 127 -5.62 -25.49 11.65
CA ASP B 127 -6.59 -24.84 10.75
C ASP B 127 -6.11 -23.45 10.31
N LEU B 128 -5.51 -22.69 11.22
CA LEU B 128 -4.93 -21.38 10.83
C LEU B 128 -3.86 -21.52 9.75
N LEU B 129 -3.01 -22.53 9.87
CA LEU B 129 -1.92 -22.74 8.91
C LEU B 129 -2.45 -23.17 7.53
N GLU B 130 -3.54 -23.92 7.51
CA GLU B 130 -4.06 -24.51 6.27
C GLU B 130 -5.14 -23.69 5.57
N ASP B 131 -5.86 -22.86 6.33
CA ASP B 131 -6.96 -22.06 5.79
C ASP B 131 -6.64 -20.58 6.05
N THR B 132 -6.48 -19.81 4.98
CA THR B 132 -6.18 -18.38 5.09
C THR B 132 -7.32 -17.49 4.55
N VAL B 133 -8.53 -18.06 4.44
CA VAL B 133 -9.68 -17.35 3.84
C VAL B 133 -10.96 -17.31 4.71
N THR B 134 -11.30 -18.40 5.39
CA THR B 134 -12.59 -18.52 6.08
C THR B 134 -12.74 -17.57 7.28
N PRO B 135 -13.69 -16.61 7.21
CA PRO B 135 -13.86 -15.70 8.35
C PRO B 135 -14.10 -16.45 9.65
N ILE B 136 -13.46 -15.97 10.72
CA ILE B 136 -13.59 -16.59 12.03
C ILE B 136 -14.71 -15.88 12.80
N ASP B 137 -15.53 -16.66 13.50
CA ASP B 137 -16.65 -16.09 14.25
C ASP B 137 -16.16 -15.24 15.41
N THR B 138 -16.95 -14.24 15.76
CA THR B 138 -16.68 -13.42 16.93
C THR B 138 -17.98 -13.24 17.69
N THR B 139 -17.85 -12.97 18.98
CA THR B 139 -18.99 -12.63 19.81
C THR B 139 -18.97 -11.13 20.04
N ILE B 140 -20.13 -10.49 19.93
CA ILE B 140 -20.27 -9.08 20.28
C ILE B 140 -21.11 -8.95 21.56
N MET B 141 -20.56 -8.21 22.53
CA MET B 141 -21.17 -8.00 23.85
C MET B 141 -21.11 -6.52 24.19
N ALA B 142 -22.03 -6.07 25.03
CA ALA B 142 -21.96 -4.72 25.61
C ALA B 142 -21.17 -4.76 26.92
N LYS B 143 -20.21 -3.85 27.06
CA LYS B 143 -19.45 -3.73 28.30
C LYS B 143 -20.33 -3.16 29.43
N ASN B 144 -20.18 -3.73 30.62
CA ASN B 144 -20.78 -3.17 31.82
C ASN B 144 -19.69 -2.36 32.53
N GLU B 145 -19.82 -1.03 32.49
CA GLU B 145 -18.89 -0.12 33.14
C GLU B 145 -19.62 0.99 33.88
N VAL B 146 -19.02 1.46 34.96
CA VAL B 146 -19.68 2.40 35.87
C VAL B 146 -19.19 3.85 35.66
N PHE B 147 -20.13 4.80 35.72
CA PHE B 147 -19.84 6.23 35.53
C PHE B 147 -20.71 7.11 36.43
N CYS B 148 -20.38 8.39 36.49
CA CYS B 148 -21.25 9.41 37.06
C CYS B 148 -22.01 10.09 35.92
N VAL B 149 -23.23 10.55 36.19
CA VAL B 149 -24.03 11.25 35.18
C VAL B 149 -23.40 12.61 34.88
N GLN B 150 -23.38 12.99 33.61
CA GLN B 150 -22.86 14.30 33.20
C GLN B 150 -23.98 15.35 33.14
N PRO B 151 -23.59 16.62 33.14
CA PRO B 151 -24.54 17.73 33.03
C PRO B 151 -25.10 17.83 31.62
N GLY B 155 -27.06 13.36 31.39
CA GLY B 155 -27.15 12.31 30.37
C GLY B 155 -26.27 11.13 30.75
N ARG B 156 -26.48 10.02 30.05
CA ARG B 156 -25.73 8.79 30.30
C ARG B 156 -25.05 8.31 29.03
N LYS B 157 -23.83 7.80 29.18
CA LYS B 157 -23.08 7.21 28.08
C LYS B 157 -23.69 5.85 27.73
N PRO B 158 -23.78 5.54 26.42
CA PRO B 158 -24.18 4.18 26.02
C PRO B 158 -23.04 3.18 26.28
N ALA B 159 -23.38 1.90 26.42
CA ALA B 159 -22.37 0.86 26.64
C ALA B 159 -21.40 0.77 25.47
N ARG B 160 -20.12 0.56 25.76
CA ARG B 160 -19.15 0.22 24.72
C ARG B 160 -19.39 -1.21 24.25
N LEU B 161 -18.99 -1.50 23.02
CA LEU B 161 -19.09 -2.84 22.46
C LEU B 161 -17.73 -3.54 22.42
N ILE B 162 -17.69 -4.79 22.86
CA ILE B 162 -16.47 -5.60 22.79
C ILE B 162 -16.69 -6.77 21.82
N VAL B 163 -15.75 -6.96 20.91
CA VAL B 163 -15.80 -8.04 19.94
C VAL B 163 -14.58 -8.93 20.10
N PHE B 164 -14.81 -10.21 20.31
CA PHE B 164 -13.73 -11.16 20.55
C PHE B 164 -14.03 -12.54 19.97
N PRO B 165 -12.98 -13.28 19.58
CA PRO B 165 -13.12 -14.64 19.08
C PRO B 165 -13.08 -15.65 20.20
N ASP B 166 -13.27 -16.92 19.85
CA ASP B 166 -13.30 -17.99 20.84
C ASP B 166 -11.97 -18.15 21.56
N LEU B 167 -12.01 -18.67 22.79
CA LEU B 167 -10.84 -18.90 23.62
C LEU B 167 -9.70 -19.61 22.88
N GLY B 168 -10.03 -20.65 22.13
CA GLY B 168 -9.03 -21.38 21.36
C GLY B 168 -8.27 -20.51 20.37
N VAL B 169 -8.98 -19.57 19.74
CA VAL B 169 -8.33 -18.63 18.83
C VAL B 169 -7.43 -17.65 19.59
N ARG B 170 -7.87 -17.23 20.78
CA ARG B 170 -7.11 -16.26 21.57
C ARG B 170 -5.76 -16.82 22.01
N VAL B 171 -5.73 -18.11 22.35
CA VAL B 171 -4.46 -18.78 22.65
C VAL B 171 -3.55 -18.81 21.41
N CYS B 172 -4.13 -19.09 20.25
CA CYS B 172 -3.35 -19.16 19.01
C CYS B 172 -2.78 -17.78 18.62
N GLU B 173 -3.54 -16.72 18.87
CA GLU B 173 -3.03 -15.37 18.65
C GLU B 173 -1.77 -15.14 19.48
N LYS B 174 -1.80 -15.56 20.74
CA LYS B 174 -0.61 -15.43 21.61
C LYS B 174 0.58 -16.22 21.05
N MET B 175 0.31 -17.43 20.57
CA MET B 175 1.37 -18.25 19.97
C MET B 175 2.04 -17.50 18.80
N ALA B 176 1.23 -16.95 17.91
CA ALA B 176 1.74 -16.30 16.70
C ALA B 176 2.36 -14.93 16.96
N LEU B 177 1.77 -14.16 17.86
CA LEU B 177 1.99 -12.72 17.91
C LEU B 177 2.40 -12.12 19.26
N TYR B 178 2.32 -12.88 20.36
CA TYR B 178 2.58 -12.27 21.67
C TYR B 178 3.94 -11.58 21.74
N ASP B 179 4.96 -12.31 21.29
CA ASP B 179 6.33 -11.81 21.33
C ASP B 179 6.53 -10.64 20.35
N VAL B 180 5.73 -10.60 19.28
CA VAL B 180 5.75 -9.49 18.34
C VAL B 180 5.15 -8.22 18.94
N VAL B 181 3.92 -8.31 19.44
CA VAL B 181 3.22 -7.13 19.99
C VAL B 181 3.91 -6.62 21.26
N SER B 182 4.68 -7.48 21.92
CA SER B 182 5.43 -7.13 23.12
C SER B 182 6.75 -6.39 22.83
N THR B 183 7.32 -6.61 21.66
CA THR B 183 8.68 -6.13 21.34
C THR B 183 8.75 -5.11 20.20
N LEU B 184 7.85 -5.22 19.22
CA LEU B 184 7.92 -4.43 17.99
C LEU B 184 7.63 -2.93 18.17
N PRO B 185 6.54 -2.59 18.88
CA PRO B 185 6.17 -1.18 18.94
C PRO B 185 7.26 -0.27 19.54
N GLN B 186 7.97 -0.75 20.56
CA GLN B 186 9.04 0.02 21.16
C GLN B 186 10.16 0.28 20.15
N VAL B 187 10.52 -0.74 19.38
CA VAL B 187 11.55 -0.61 18.37
C VAL B 187 11.10 0.36 17.26
N VAL B 188 9.85 0.26 16.84
CA VAL B 188 9.34 1.10 15.75
C VAL B 188 9.15 2.58 16.14
N MET B 189 8.70 2.81 17.38
CA MET B 189 8.29 4.15 17.81
C MET B 189 9.23 4.79 18.84
N GLY B 190 10.19 4.03 19.34
CA GLY B 190 11.17 4.53 20.31
C GLY B 190 10.51 5.16 21.52
N SER B 191 10.93 6.39 21.85
CA SER B 191 10.43 7.12 23.02
C SER B 191 8.93 7.44 22.97
N SER B 192 8.35 7.48 21.76
CA SER B 192 6.93 7.79 21.59
C SER B 192 5.99 6.69 22.08
N TYR B 193 6.51 5.50 22.28
CA TYR B 193 5.70 4.37 22.72
C TYR B 193 5.41 4.46 24.21
N GLY B 194 4.19 4.87 24.56
CA GLY B 194 3.84 5.20 25.95
C GLY B 194 3.83 4.06 26.96
N PHE B 195 3.60 2.83 26.48
CA PHE B 195 3.50 1.65 27.35
C PHE B 195 4.76 1.35 28.15
N GLN B 196 5.93 1.66 27.57
CA GLN B 196 7.22 1.28 28.19
C GLN B 196 7.49 1.94 29.54
N TYR B 197 6.83 3.06 29.81
CA TYR B 197 7.14 3.88 30.98
C TYR B 197 6.32 3.44 32.18
N SER B 198 6.96 3.45 33.35
CA SER B 198 6.24 3.46 34.60
C SER B 198 5.62 4.84 34.68
N PRO B 199 4.66 5.05 35.60
CA PRO B 199 4.11 6.41 35.70
C PRO B 199 5.18 7.45 36.06
N GLY B 200 6.14 7.06 36.91
CA GLY B 200 7.26 7.93 37.27
C GLY B 200 8.17 8.26 36.10
N GLN B 201 8.46 7.27 35.27
CA GLN B 201 9.25 7.50 34.05
C GLN B 201 8.48 8.35 33.03
N ARG B 202 7.17 8.15 32.94
CA ARG B 202 6.35 8.90 32.00
C ARG B 202 6.35 10.38 32.32
N VAL B 203 6.07 10.72 33.57
CA VAL B 203 6.04 12.13 33.97
CA VAL B 203 6.05 12.13 34.00
C VAL B 203 7.41 12.78 33.73
N GLU B 204 8.48 12.02 33.95
CA GLU B 204 9.84 12.51 33.72
C GLU B 204 10.08 12.77 32.23
N PHE B 205 9.56 11.88 31.38
CA PHE B 205 9.68 12.07 29.94
C PHE B 205 8.89 13.30 29.46
N LEU B 206 7.66 13.43 29.93
CA LEU B 206 6.81 14.57 29.56
C LEU B 206 7.44 15.90 29.95
N VAL B 207 7.87 16.01 31.21
CA VAL B 207 8.49 17.23 31.71
C VAL B 207 9.77 17.55 30.92
N ASN B 208 10.63 16.55 30.72
CA ASN B 208 11.86 16.76 29.95
C ASN B 208 11.56 17.17 28.51
N THR B 209 10.52 16.58 27.91
CA THR B 209 10.11 16.94 26.55
C THR B 209 9.60 18.38 26.49
N TRP B 210 8.80 18.78 27.47
CA TRP B 210 8.30 20.15 27.53
C TRP B 210 9.46 21.14 27.64
N LYS B 211 10.44 20.83 28.50
CA LYS B 211 11.58 21.71 28.73
C LYS B 211 12.53 21.78 27.53
N SER B 212 12.59 20.72 26.72
CA SER B 212 13.51 20.67 25.58
C SER B 212 13.08 21.56 24.40
N LYS B 213 11.88 22.13 24.44
CA LYS B 213 11.42 23.06 23.41
C LYS B 213 11.70 24.50 23.87
N LYS B 214 12.11 25.36 22.95
CA LYS B 214 12.36 26.77 23.27
C LYS B 214 11.07 27.47 23.67
N ASN B 215 10.07 27.39 22.79
CA ASN B 215 8.74 27.94 23.03
C ASN B 215 7.71 26.82 22.92
N PRO B 216 7.48 26.07 24.02
CA PRO B 216 6.70 24.84 23.95
C PRO B 216 5.21 25.04 23.69
N MET B 217 4.68 24.21 22.79
CA MET B 217 3.24 24.07 22.62
C MET B 217 2.94 22.58 22.62
N GLY B 218 1.77 22.22 23.16
CA GLY B 218 1.32 20.84 23.13
C GLY B 218 -0.18 20.71 22.95
N PHE B 219 -0.60 19.58 22.40
CA PHE B 219 -2.01 19.26 22.26
C PHE B 219 -2.28 17.77 22.27
N SER B 220 -3.46 17.41 22.76
CA SER B 220 -3.98 16.07 22.64
C SER B 220 -4.90 16.01 21.43
N TYR B 221 -4.89 14.88 20.73
CA TYR B 221 -5.81 14.64 19.62
C TYR B 221 -6.60 13.37 19.92
N ASP B 222 -7.90 13.52 20.11
CA ASP B 222 -8.79 12.39 20.39
C ASP B 222 -9.61 12.07 19.15
N THR B 223 -9.38 10.91 18.56
CA THR B 223 -10.13 10.48 17.39
C THR B 223 -11.51 10.02 17.82
N ARG B 224 -12.52 10.36 17.03
CA ARG B 224 -13.89 9.94 17.31
C ARG B 224 -14.05 8.46 16.96
N CYS B 225 -14.37 7.64 17.96
CA CYS B 225 -14.61 6.20 17.75
C CYS B 225 -13.50 5.57 16.93
N PHE B 226 -12.28 5.54 17.48
CA PHE B 226 -11.08 5.16 16.75
C PHE B 226 -11.18 3.77 16.15
N ASP B 227 -11.73 2.82 16.91
CA ASP B 227 -11.85 1.45 16.40
C ASP B 227 -12.62 1.42 15.09
N SER B 228 -13.71 2.18 15.00
CA SER B 228 -14.52 2.23 13.78
C SER B 228 -13.82 2.91 12.61
N THR B 229 -12.89 3.83 12.90
CA THR B 229 -12.17 4.53 11.83
C THR B 229 -11.07 3.68 11.20
N VAL B 230 -10.70 2.58 11.86
CA VAL B 230 -9.69 1.68 11.36
C VAL B 230 -10.20 0.89 10.15
N THR B 231 -9.55 1.06 9.00
CA THR B 231 -9.99 0.47 7.73
C THR B 231 -9.28 -0.85 7.43
N GLU B 232 -9.76 -1.56 6.42
CA GLU B 232 -9.09 -2.76 5.91
C GLU B 232 -7.64 -2.49 5.49
N ASN B 233 -7.42 -1.36 4.82
CA ASN B 233 -6.08 -0.87 4.51
C ASN B 233 -5.18 -0.75 5.73
N ASP B 234 -5.70 -0.15 6.80
CA ASP B 234 -4.93 0.06 8.02
C ASP B 234 -4.51 -1.29 8.61
N ILE B 235 -5.44 -2.24 8.60
CA ILE B 235 -5.21 -3.55 9.19
C ILE B 235 -4.24 -4.39 8.32
N ARG B 236 -4.29 -4.21 7.00
CA ARG B 236 -3.30 -4.82 6.10
C ARG B 236 -1.91 -4.18 6.26
N VAL B 237 -1.87 -2.85 6.40
CA VAL B 237 -0.60 -2.15 6.64
C VAL B 237 0.07 -2.58 7.94
N GLU B 238 -0.72 -2.74 9.01
CA GLU B 238 -0.20 -3.31 10.26
C GLU B 238 0.43 -4.68 10.03
N GLU B 239 -0.26 -5.54 9.29
CA GLU B 239 0.26 -6.88 9.02
C GLU B 239 1.58 -6.81 8.27
N SER B 240 1.69 -5.90 7.30
CA SER B 240 2.92 -5.74 6.54
C SER B 240 4.09 -5.33 7.45
N ILE B 241 3.80 -4.55 8.48
CA ILE B 241 4.81 -4.20 9.48
C ILE B 241 5.24 -5.44 10.29
N TYR B 242 4.27 -6.20 10.80
CA TYR B 242 4.56 -7.45 11.53
C TYR B 242 5.42 -8.37 10.69
N GLN B 243 5.10 -8.45 9.40
CA GLN B 243 5.80 -9.35 8.47
C GLN B 243 7.21 -8.90 8.11
N CYS B 244 7.57 -7.64 8.40
CA CYS B 244 8.97 -7.20 8.29
C CYS B 244 9.87 -7.92 9.28
N CYS B 245 9.32 -8.36 10.41
CA CYS B 245 10.11 -9.05 11.44
C CYS B 245 10.73 -10.35 10.93
N ASP B 246 11.75 -10.81 11.64
CA ASP B 246 12.35 -12.12 11.44
C ASP B 246 11.48 -13.10 12.23
N LEU B 247 10.70 -13.91 11.50
CA LEU B 247 9.72 -14.81 12.11
C LEU B 247 9.92 -16.26 11.68
N ALA B 248 9.45 -17.18 12.51
CA ALA B 248 9.40 -18.60 12.15
C ALA B 248 8.33 -18.75 11.06
N PRO B 249 8.58 -19.62 10.06
CA PRO B 249 7.64 -19.85 8.96
C PRO B 249 6.18 -20.03 9.38
N GLU B 250 5.92 -20.86 10.39
CA GLU B 250 4.54 -21.07 10.87
C GLU B 250 3.94 -19.77 11.39
N ALA B 251 4.76 -18.95 12.04
CA ALA B 251 4.30 -17.66 12.55
C ALA B 251 3.84 -16.75 11.43
N ARG B 252 4.60 -16.69 10.33
CA ARG B 252 4.21 -15.87 9.17
C ARG B 252 2.84 -16.25 8.63
N GLN B 253 2.63 -17.55 8.45
CA GLN B 253 1.37 -18.09 7.95
C GLN B 253 0.21 -17.78 8.89
N ALA B 254 0.39 -18.06 10.18
CA ALA B 254 -0.65 -17.81 11.18
C ALA B 254 -1.05 -16.33 11.25
N ILE B 255 -0.07 -15.45 11.11
CA ILE B 255 -0.32 -13.99 11.10
C ILE B 255 -1.09 -13.53 9.85
N LYS B 256 -0.74 -14.11 8.71
CA LYS B 256 -1.46 -13.88 7.46
C LYS B 256 -2.91 -14.38 7.58
N SER B 257 -3.04 -15.58 8.14
CA SER B 257 -4.33 -16.19 8.32
C SER B 257 -5.19 -15.37 9.28
N LEU B 258 -4.65 -15.09 10.46
CA LEU B 258 -5.39 -14.31 11.46
C LEU B 258 -5.81 -12.95 10.91
N THR B 259 -4.95 -12.32 10.10
CA THR B 259 -5.26 -11.02 9.50
C THR B 259 -6.42 -11.11 8.50
N GLU B 260 -6.36 -12.08 7.59
CA GLU B 260 -7.42 -12.23 6.58
C GLU B 260 -8.74 -12.67 7.21
N ARG B 261 -8.65 -13.56 8.19
CA ARG B 261 -9.83 -14.26 8.72
C ARG B 261 -10.49 -13.58 9.93
N LEU B 262 -9.71 -12.77 10.66
CA LEU B 262 -10.15 -12.23 11.95
C LEU B 262 -9.96 -10.71 12.02
N TYR B 263 -8.72 -10.24 11.87
CA TYR B 263 -8.42 -8.81 12.12
C TYR B 263 -9.11 -7.84 11.16
N ILE B 264 -9.14 -8.16 9.88
CA ILE B 264 -9.76 -7.28 8.88
C ILE B 264 -11.27 -7.15 9.06
N GLY B 265 -11.89 -8.22 9.55
CA GLY B 265 -13.34 -8.22 9.72
C GLY B 265 -13.91 -9.61 9.86
N GLY B 266 -15.22 -9.68 10.05
CA GLY B 266 -15.91 -10.96 10.12
C GLY B 266 -17.31 -10.84 10.71
N PRO B 267 -18.03 -11.98 10.74
CA PRO B 267 -19.41 -12.03 11.22
C PRO B 267 -19.48 -11.79 12.74
N LEU B 268 -20.58 -11.20 13.19
CA LEU B 268 -20.79 -10.89 14.60
C LEU B 268 -21.95 -11.71 15.12
N THR B 269 -21.71 -12.43 16.22
CA THR B 269 -22.72 -13.29 16.84
C THR B 269 -22.98 -12.83 18.26
N ASN B 270 -24.24 -12.79 18.68
CA ASN B 270 -24.56 -12.39 20.05
C ASN B 270 -24.41 -13.58 21.00
N SER B 271 -24.60 -13.35 22.31
CA SER B 271 -24.45 -14.40 23.32
C SER B 271 -25.45 -15.54 23.16
N LYS B 272 -26.56 -15.28 22.48
CA LYS B 272 -27.58 -16.28 22.21
C LYS B 272 -27.34 -17.03 20.89
N GLY B 273 -26.23 -16.75 20.22
CA GLY B 273 -25.88 -17.46 18.98
C GLY B 273 -26.52 -16.94 17.71
N GLN B 274 -27.12 -15.76 17.76
CA GLN B 274 -27.75 -15.16 16.58
C GLN B 274 -26.76 -14.26 15.84
N ASN B 275 -26.85 -14.25 14.52
CA ASN B 275 -26.03 -13.37 13.69
C ASN B 275 -26.49 -11.91 13.82
N CYS B 276 -25.62 -11.06 14.35
CA CYS B 276 -25.94 -9.63 14.57
C CYS B 276 -25.54 -8.74 13.41
N GLY B 277 -24.58 -9.17 12.61
CA GLY B 277 -24.14 -8.40 11.44
C GLY B 277 -22.72 -8.70 11.00
N TYR B 278 -21.99 -7.66 10.58
CA TYR B 278 -20.65 -7.82 10.03
C TYR B 278 -19.75 -6.62 10.35
N ARG B 279 -18.50 -6.91 10.72
CA ARG B 279 -17.49 -5.94 11.11
C ARG B 279 -16.47 -5.74 9.99
N ARG B 280 -16.15 -4.48 9.69
CA ARG B 280 -15.10 -4.14 8.72
C ARG B 280 -14.10 -3.14 9.33
N CYS B 281 -13.99 -3.19 10.66
CA CYS B 281 -13.11 -2.31 11.41
C CYS B 281 -12.42 -3.09 12.52
N ARG B 282 -11.72 -2.38 13.41
CA ARG B 282 -10.99 -3.01 14.51
C ARG B 282 -11.90 -3.79 15.45
N ALA B 283 -11.54 -5.03 15.75
CA ALA B 283 -12.13 -5.79 16.84
C ALA B 283 -11.47 -5.32 18.14
N SER B 284 -12.26 -4.97 19.15
CA SER B 284 -11.68 -4.43 20.38
C SER B 284 -11.04 -5.52 21.24
N GLY B 285 -11.45 -6.77 21.06
CA GLY B 285 -10.99 -7.86 21.92
C GLY B 285 -10.09 -8.86 21.24
N VAL B 286 -9.25 -8.40 20.33
CA VAL B 286 -8.23 -9.25 19.75
C VAL B 286 -6.88 -8.81 20.28
N LEU B 287 -5.90 -9.70 20.21
CA LEU B 287 -4.59 -9.46 20.78
C LEU B 287 -3.90 -8.21 20.24
N THR B 288 -4.02 -7.98 18.94
CA THR B 288 -3.34 -6.89 18.24
C THR B 288 -4.04 -5.53 18.33
N THR B 289 -5.09 -5.42 19.14
CA THR B 289 -5.85 -4.16 19.21
C THR B 289 -4.97 -3.03 19.72
N SER B 290 -4.28 -3.25 20.83
CA SER B 290 -3.46 -2.19 21.43
C SER B 290 -2.27 -1.83 20.54
N CYS B 291 -1.48 -2.83 20.18
CA CYS B 291 -0.32 -2.64 19.29
C CYS B 291 -0.74 -2.04 17.94
N GLY B 292 -1.77 -2.63 17.33
CA GLY B 292 -2.31 -2.12 16.08
C GLY B 292 -2.80 -0.69 16.15
N ASN B 293 -3.61 -0.36 17.16
CA ASN B 293 -4.05 1.03 17.33
C ASN B 293 -2.89 1.99 17.56
N THR B 294 -1.89 1.55 18.33
CA THR B 294 -0.74 2.41 18.61
C THR B 294 0.06 2.70 17.32
N LEU B 295 0.38 1.65 16.56
CA LEU B 295 1.10 1.81 15.29
C LEU B 295 0.35 2.67 14.28
N THR B 296 -0.96 2.44 14.16
CA THR B 296 -1.79 3.17 13.22
C THR B 296 -1.98 4.64 13.62
N CYS B 297 -2.17 4.87 14.91
CA CYS B 297 -2.21 6.24 15.43
C CYS B 297 -0.87 6.94 15.21
N TYR B 298 0.23 6.25 15.52
CA TYR B 298 1.57 6.79 15.31
C TYR B 298 1.81 7.14 13.83
N LEU B 299 1.40 6.24 12.95
CA LEU B 299 1.58 6.42 11.51
C LEU B 299 0.82 7.64 10.97
N LYS B 300 -0.49 7.68 11.20
CA LYS B 300 -1.33 8.77 10.73
C LYS B 300 -0.92 10.12 11.32
N ALA B 301 -0.61 10.11 12.62
CA ALA B 301 -0.24 11.33 13.34
C ALA B 301 1.11 11.87 12.91
N SER B 302 2.10 11.00 12.74
CA SER B 302 3.42 11.41 12.26
C SER B 302 3.29 12.07 10.90
N ALA B 303 2.60 11.40 9.98
CA ALA B 303 2.34 11.96 8.65
C ALA B 303 1.65 13.33 8.73
N ALA B 304 0.66 13.44 9.60
CA ALA B 304 -0.12 14.69 9.74
C ALA B 304 0.71 15.83 10.32
N CYS B 305 1.67 15.51 11.19
CA CYS B 305 2.64 16.50 11.66
C CYS B 305 3.43 17.10 10.48
N ARG B 306 3.81 16.23 9.54
CA ARG B 306 4.53 16.69 8.35
C ARG B 306 3.66 17.54 7.45
N ALA B 307 2.41 17.14 7.24
CA ALA B 307 1.45 17.94 6.48
C ALA B 307 1.27 19.34 7.08
N ALA B 308 1.15 19.39 8.40
CA ALA B 308 0.96 20.65 9.12
C ALA B 308 2.26 21.43 9.37
N LYS B 309 3.39 20.85 8.99
CA LYS B 309 4.69 21.49 9.10
C LYS B 309 5.00 21.95 10.52
N LEU B 310 4.67 21.11 11.49
CA LEU B 310 4.95 21.40 12.89
C LEU B 310 6.43 21.14 13.17
N GLN B 311 7.06 22.06 13.89
CA GLN B 311 8.51 22.05 14.06
C GLN B 311 8.93 21.32 15.33
N ASP B 312 9.87 20.40 15.18
CA ASP B 312 10.50 19.70 16.32
C ASP B 312 9.45 19.00 17.18
N CYS B 313 8.70 18.10 16.55
CA CYS B 313 7.64 17.37 17.23
C CYS B 313 8.18 16.22 18.06
N THR B 314 7.60 16.04 19.24
CA THR B 314 7.78 14.83 20.02
C THR B 314 6.38 14.26 20.25
N MET B 315 6.18 13.02 19.81
CA MET B 315 4.88 12.38 19.97
C MET B 315 4.91 11.41 21.13
N LEU B 316 3.77 11.28 21.80
CA LEU B 316 3.57 10.21 22.77
C LEU B 316 2.24 9.58 22.40
N VAL B 317 2.29 8.26 22.17
CA VAL B 317 1.13 7.52 21.69
C VAL B 317 0.88 6.31 22.58
N TYR B 318 -0.38 6.11 22.95
CA TYR B 318 -0.81 4.93 23.68
C TYR B 318 -2.20 4.53 23.19
N GLY B 319 -2.29 3.43 22.45
CA GLY B 319 -3.53 3.06 21.78
C GLY B 319 -3.99 4.17 20.87
N ASP B 320 -5.21 4.64 21.06
CA ASP B 320 -5.75 5.74 20.25
C ASP B 320 -5.51 7.11 20.90
N ASP B 321 -4.75 7.14 21.99
CA ASP B 321 -4.40 8.39 22.64
C ASP B 321 -3.08 8.92 22.08
N LEU B 322 -3.06 10.21 21.78
CA LEU B 322 -1.96 10.86 21.12
C LEU B 322 -1.75 12.24 21.70
N VAL B 323 -0.51 12.56 22.06
CA VAL B 323 -0.11 13.92 22.41
C VAL B 323 1.11 14.29 21.60
N VAL B 324 1.09 15.51 21.05
CA VAL B 324 2.24 16.10 20.37
C VAL B 324 2.72 17.32 21.16
N ILE B 325 4.02 17.38 21.41
CA ILE B 325 4.66 18.56 21.98
C ILE B 325 5.70 19.06 20.98
N CYS B 326 5.66 20.35 20.64
CA CYS B 326 6.47 20.89 19.55
C CYS B 326 6.87 22.36 19.79
N GLU B 327 7.53 22.98 18.82
CA GLU B 327 7.84 24.41 18.89
C GLU B 327 6.64 25.24 18.46
N SER B 328 6.30 26.24 19.26
CA SER B 328 5.20 27.16 18.96
C SER B 328 5.57 28.14 17.86
N ALA B 329 4.55 28.58 17.11
CA ALA B 329 4.69 29.67 16.14
C ALA B 329 3.77 30.84 16.51
N GLY B 330 3.41 30.93 17.78
CA GLY B 330 2.43 31.90 18.24
C GLY B 330 1.02 31.35 18.22
N THR B 331 0.13 31.98 18.96
CA THR B 331 -1.23 31.44 19.19
C THR B 331 -2.03 31.29 17.89
N GLN B 332 -2.03 32.33 17.06
CA GLN B 332 -2.85 32.35 15.85
C GLN B 332 -2.37 31.34 14.81
N GLU B 333 -1.05 31.19 14.70
CA GLU B 333 -0.46 30.29 13.72
C GLU B 333 -0.57 28.84 14.16
N ASP B 334 -0.38 28.58 15.45
CA ASP B 334 -0.60 27.25 16.02
C ASP B 334 -2.04 26.80 15.82
N ALA B 335 -2.99 27.73 16.00
CA ALA B 335 -4.40 27.43 15.73
C ALA B 335 -4.56 26.95 14.30
N ALA B 336 -4.02 27.72 13.35
CA ALA B 336 -4.00 27.36 11.94
C ALA B 336 -3.35 26.00 11.70
N SER B 337 -2.17 25.80 12.27
CA SER B 337 -1.41 24.55 12.09
C SER B 337 -2.19 23.33 12.55
N LEU B 338 -2.96 23.48 13.64
CA LEU B 338 -3.76 22.39 14.18
C LEU B 338 -4.92 22.02 13.27
N ARG B 339 -5.53 23.02 12.63
CA ARG B 339 -6.59 22.78 11.64
C ARG B 339 -6.07 21.95 10.47
N VAL B 340 -4.85 22.21 10.02
CA VAL B 340 -4.21 21.43 8.96
C VAL B 340 -3.89 19.99 9.43
N PHE B 341 -3.37 19.88 10.65
CA PHE B 341 -3.13 18.58 11.26
C PHE B 341 -4.43 17.77 11.24
N THR B 342 -5.50 18.39 11.70
CA THR B 342 -6.81 17.76 11.78
C THR B 342 -7.35 17.39 10.39
N GLU B 343 -7.24 18.31 9.44
CA GLU B 343 -7.58 18.03 8.04
C GLU B 343 -6.82 16.81 7.50
N ALA B 344 -5.54 16.70 7.85
CA ALA B 344 -4.73 15.58 7.38
C ALA B 344 -5.14 14.26 8.05
N MET B 345 -5.36 14.30 9.36
CA MET B 345 -5.84 13.11 10.09
C MET B 345 -7.20 12.65 9.57
N THR B 346 -8.05 13.61 9.22
CA THR B 346 -9.37 13.32 8.66
C THR B 346 -9.28 12.62 7.30
N ARG B 347 -8.41 13.12 6.42
CA ARG B 347 -8.17 12.44 5.15
C ARG B 347 -7.67 11.00 5.36
N TYR B 348 -6.90 10.79 6.42
CA TYR B 348 -6.45 9.44 6.80
C TYR B 348 -7.54 8.59 7.52
N SER B 349 -8.78 9.09 7.57
N SER B 349 -8.75 9.15 7.65
CA SER B 349 -9.89 8.44 8.26
CA SER B 349 -9.94 8.48 8.21
C SER B 349 -9.66 8.42 9.76
C SER B 349 -10.17 8.72 9.72
N ALA B 350 -9.39 9.58 10.34
CA ALA B 350 -9.39 9.72 11.80
C ALA B 350 -9.76 11.14 12.22
N PRO B 351 -11.01 11.56 11.98
CA PRO B 351 -11.43 12.90 12.39
C PRO B 351 -11.52 13.02 13.91
N PRO B 352 -11.52 14.26 14.42
CA PRO B 352 -11.53 14.49 15.85
C PRO B 352 -12.91 14.33 16.46
N GLY B 353 -12.96 13.98 17.74
CA GLY B 353 -14.19 14.07 18.52
C GLY B 353 -14.38 15.53 18.87
N ASP B 354 -13.47 16.05 19.68
CA ASP B 354 -13.38 17.48 19.94
C ASP B 354 -12.19 17.99 19.13
N PRO B 355 -12.31 19.19 18.52
CA PRO B 355 -11.15 19.70 17.80
C PRO B 355 -9.99 19.93 18.75
N PRO B 356 -8.75 19.66 18.31
CA PRO B 356 -7.61 19.84 19.20
C PRO B 356 -7.38 21.32 19.54
N GLN B 357 -6.92 21.57 20.76
CA GLN B 357 -6.57 22.93 21.17
C GLN B 357 -5.10 22.99 21.58
N PRO B 358 -4.37 24.01 21.11
CA PRO B 358 -3.00 24.18 21.56
C PRO B 358 -2.94 24.67 23.01
N GLU B 359 -2.04 24.10 23.80
CA GLU B 359 -1.83 24.51 25.19
C GLU B 359 -0.40 24.95 25.38
N TYR B 360 -0.20 25.95 26.24
CA TYR B 360 1.11 26.54 26.47
C TYR B 360 1.57 26.33 27.92
N ASP B 361 0.88 25.39 28.58
CA ASP B 361 1.19 24.97 29.94
C ASP B 361 0.99 23.46 29.96
N LEU B 362 2.04 22.72 30.30
CA LEU B 362 2.02 21.25 30.26
C LEU B 362 0.82 20.67 31.01
N GLU B 363 0.46 21.29 32.13
CA GLU B 363 -0.56 20.77 33.04
C GLU B 363 -1.99 20.86 32.48
N LEU B 364 -2.19 21.71 31.47
CA LEU B 364 -3.51 21.86 30.83
C LEU B 364 -3.76 20.84 29.71
N ILE B 365 -2.78 19.99 29.43
CA ILE B 365 -2.94 18.92 28.44
C ILE B 365 -3.49 17.69 29.15
N THR B 366 -4.62 17.18 28.67
CA THR B 366 -5.21 15.95 29.19
C THR B 366 -5.14 14.84 28.14
N SER B 367 -4.73 13.65 28.57
CA SER B 367 -4.57 12.51 27.68
C SER B 367 -4.62 11.23 28.51
N CYS B 368 -5.27 10.19 27.98
CA CYS B 368 -5.66 9.03 28.76
C CYS B 368 -6.33 9.49 30.06
N SER B 369 -7.18 10.50 29.94
CA SER B 369 -7.91 11.12 31.05
C SER B 369 -7.04 11.71 32.16
N SER B 370 -5.75 11.93 31.87
CA SER B 370 -4.77 12.30 32.88
C SER B 370 -4.03 13.57 32.51
N ASN B 371 -3.57 14.29 33.52
CA ASN B 371 -2.76 15.49 33.35
C ASN B 371 -1.64 15.54 34.38
N VAL B 372 -0.57 16.24 34.04
CA VAL B 372 0.55 16.47 34.95
C VAL B 372 0.16 17.52 35.98
N SER B 373 0.54 17.28 37.22
CA SER B 373 0.45 18.31 38.25
C SER B 373 1.70 18.28 39.12
N VAL B 374 1.78 19.20 40.07
CA VAL B 374 2.98 19.36 40.88
C VAL B 374 2.64 19.33 42.37
N ALA B 375 3.48 18.64 43.13
CA ALA B 375 3.42 18.64 44.59
C ALA B 375 4.84 18.73 45.12
N HIS B 376 4.98 18.61 46.43
CA HIS B 376 6.29 18.74 47.08
C HIS B 376 6.58 17.52 47.95
N ASP B 377 7.81 17.02 47.89
CA ASP B 377 8.22 15.89 48.72
C ASP B 377 8.57 16.38 50.13
N ALA B 378 9.11 15.48 50.96
CA ALA B 378 9.41 15.79 52.35
C ALA B 378 10.38 16.95 52.50
N SER B 379 11.40 17.01 51.66
CA SER B 379 12.41 18.07 51.75
C SER B 379 11.96 19.40 51.11
N GLY B 380 10.84 19.38 50.40
CA GLY B 380 10.27 20.60 49.82
C GLY B 380 10.51 20.75 48.33
N LYS B 381 11.25 19.81 47.75
CA LYS B 381 11.51 19.80 46.31
C LYS B 381 10.22 19.53 45.52
N ARG B 382 10.09 20.17 44.37
CA ARG B 382 8.97 19.92 43.48
C ARG B 382 9.02 18.49 42.94
N VAL B 383 7.86 17.84 42.93
CA VAL B 383 7.72 16.50 42.37
C VAL B 383 6.54 16.49 41.41
N TYR B 384 6.79 16.14 40.16
CA TYR B 384 5.76 16.04 39.14
C TYR B 384 5.12 14.66 39.20
N TYR B 385 3.81 14.61 39.01
CA TYR B 385 3.08 13.35 39.05
C TYR B 385 1.87 13.45 38.13
N LEU B 386 1.32 12.30 37.76
CA LEU B 386 0.11 12.27 36.94
C LEU B 386 -1.13 12.04 37.81
N THR B 387 -2.16 12.83 37.56
CA THR B 387 -3.43 12.71 38.25
C THR B 387 -4.58 12.72 37.23
N ARG B 388 -5.80 12.64 37.72
CA ARG B 388 -6.98 12.79 36.88
C ARG B 388 -8.13 13.31 37.70
N ASP B 389 -9.18 13.76 37.03
CA ASP B 389 -10.44 14.05 37.69
C ASP B 389 -10.89 12.76 38.39
N PRO B 390 -11.12 12.81 39.71
CA PRO B 390 -11.44 11.58 40.46
C PRO B 390 -12.89 11.08 40.37
N THR B 391 -13.73 11.73 39.57
CA THR B 391 -15.16 11.41 39.54
C THR B 391 -15.45 9.94 39.22
N THR B 392 -14.92 9.46 38.11
CA THR B 392 -15.15 8.06 37.69
C THR B 392 -14.52 7.03 38.64
N PRO B 393 -13.26 7.25 39.07
CA PRO B 393 -12.68 6.40 40.13
C PRO B 393 -13.52 6.32 41.42
N LEU B 394 -14.15 7.43 41.81
CA LEU B 394 -14.98 7.44 43.01
C LEU B 394 -16.33 6.73 42.80
N ALA B 395 -16.94 6.95 41.64
CA ALA B 395 -18.17 6.26 41.29
C ALA B 395 -17.98 4.73 41.25
N ARG B 396 -16.86 4.28 40.70
CA ARG B 396 -16.56 2.85 40.64
C ARG B 396 -16.22 2.26 42.02
N ALA B 397 -15.54 3.07 42.85
CA ALA B 397 -15.25 2.68 44.23
C ALA B 397 -16.54 2.47 45.04
N ALA B 398 -17.51 3.36 44.84
CA ALA B 398 -18.82 3.26 45.49
C ALA B 398 -19.56 1.99 45.06
N TRP B 399 -19.48 1.66 43.77
CA TRP B 399 -20.05 0.42 43.25
C TRP B 399 -19.36 -0.80 43.87
N GLU B 400 -18.03 -0.77 43.88
CA GLU B 400 -17.23 -1.88 44.42
C GLU B 400 -17.28 -2.01 45.94
N THR B 401 -17.73 -0.96 46.62
CA THR B 401 -17.98 -1.02 48.06
C THR B 401 -19.15 -1.97 48.39
N ALA B 402 -20.10 -2.09 47.47
CA ALA B 402 -21.31 -2.91 47.64
C ALA B 402 -21.33 -4.22 46.82
N ARG B 403 -20.57 -4.29 45.73
CA ARG B 403 -20.58 -5.45 44.82
C ARG B 403 -19.18 -5.92 44.48
N HIS B 404 -18.94 -7.22 44.54
CA HIS B 404 -17.67 -7.79 44.10
C HIS B 404 -17.62 -7.83 42.57
N THR B 405 -16.70 -7.06 41.99
CA THR B 405 -16.55 -6.96 40.53
C THR B 405 -15.34 -7.78 40.06
N PRO B 406 -15.22 -8.01 38.74
CA PRO B 406 -14.04 -8.73 38.24
C PRO B 406 -12.76 -7.88 38.12
N VAL B 407 -12.89 -6.56 38.08
CA VAL B 407 -11.77 -5.64 37.77
C VAL B 407 -11.15 -4.93 38.99
N ASN B 408 -11.88 -4.80 40.09
CA ASN B 408 -11.39 -4.08 41.26
C ASN B 408 -10.65 -2.79 40.89
N SER B 409 -11.36 -1.88 40.22
CA SER B 409 -10.76 -0.63 39.74
C SER B 409 -10.07 0.17 40.84
N TRP B 410 -10.56 0.05 42.09
CA TRP B 410 -9.97 0.79 43.21
C TRP B 410 -8.51 0.39 43.47
N LEU B 411 -8.20 -0.89 43.29
CA LEU B 411 -6.84 -1.37 43.52
C LEU B 411 -5.91 -0.88 42.42
N GLY B 412 -6.35 -1.00 41.17
CA GLY B 412 -5.63 -0.46 40.03
C GLY B 412 -5.43 1.05 40.15
N ASN B 413 -6.48 1.75 40.60
CA ASN B 413 -6.39 3.20 40.79
C ASN B 413 -5.39 3.59 41.89
N ILE B 414 -5.36 2.83 42.99
CA ILE B 414 -4.39 3.10 44.05
C ILE B 414 -2.97 2.93 43.52
N ILE B 415 -2.75 1.87 42.73
CA ILE B 415 -1.43 1.56 42.19
C ILE B 415 -0.98 2.61 41.17
N MET B 416 -1.87 2.91 40.22
CA MET B 416 -1.51 3.79 39.12
C MET B 416 -1.53 5.27 39.49
N TYR B 417 -2.37 5.65 40.46
CA TYR B 417 -2.48 7.04 40.91
C TYR B 417 -2.10 7.20 42.38
N ALA B 418 -1.19 6.35 42.85
CA ALA B 418 -0.71 6.37 44.24
C ALA B 418 -0.24 7.72 44.77
N PRO B 419 0.37 8.57 43.92
CA PRO B 419 0.83 9.87 44.43
C PRO B 419 -0.26 10.92 44.61
N THR B 420 -1.46 10.66 44.11
CA THR B 420 -2.51 11.68 44.08
C THR B 420 -3.14 11.87 45.45
N LEU B 421 -3.60 13.09 45.68
CA LEU B 421 -4.29 13.48 46.90
C LEU B 421 -5.51 12.58 47.15
N TRP B 422 -6.23 12.28 46.07
CA TRP B 422 -7.50 11.54 46.18
C TRP B 422 -7.30 10.04 46.37
N ALA B 423 -6.32 9.46 45.67
CA ALA B 423 -6.00 8.04 45.86
C ALA B 423 -5.53 7.74 47.28
N ARG B 424 -4.75 8.64 47.85
CA ARG B 424 -4.15 8.44 49.16
C ARG B 424 -5.14 8.66 50.29
N MET B 425 -5.86 9.77 50.23
CA MET B 425 -6.74 10.17 51.34
C MET B 425 -8.05 9.40 51.35
N ILE B 426 -8.58 9.08 50.17
CA ILE B 426 -9.90 8.47 50.07
C ILE B 426 -9.85 6.97 49.77
N LEU B 427 -9.25 6.59 48.65
CA LEU B 427 -9.26 5.20 48.23
C LEU B 427 -8.46 4.29 49.17
N MET B 428 -7.24 4.69 49.53
CA MET B 428 -6.45 3.91 50.48
C MET B 428 -7.15 3.79 51.83
N THR B 429 -7.68 4.91 52.33
CA THR B 429 -8.34 4.95 53.63
C THR B 429 -9.60 4.08 53.66
N HIS B 430 -10.44 4.27 52.65
CA HIS B 430 -11.72 3.58 52.57
C HIS B 430 -11.57 2.06 52.44
N PHE B 431 -10.70 1.61 51.53
CA PHE B 431 -10.61 0.17 51.23
C PHE B 431 -9.77 -0.62 52.22
N PHE B 432 -8.75 0.00 52.81
CA PHE B 432 -8.02 -0.66 53.89
C PHE B 432 -8.90 -0.87 55.13
N SER B 433 -9.81 0.08 55.37
CA SER B 433 -10.81 -0.10 56.42
C SER B 433 -11.67 -1.34 56.17
N ILE B 434 -12.17 -1.45 54.94
CA ILE B 434 -12.98 -2.59 54.52
C ILE B 434 -12.20 -3.90 54.64
N LEU B 435 -10.95 -3.89 54.16
CA LEU B 435 -10.10 -5.08 54.19
C LEU B 435 -9.77 -5.51 55.61
N LEU B 436 -9.47 -4.54 56.48
CA LEU B 436 -9.25 -4.82 57.91
C LEU B 436 -10.47 -5.48 58.55
N ALA B 437 -11.64 -4.90 58.30
CA ALA B 437 -12.89 -5.43 58.83
C ALA B 437 -13.10 -6.90 58.45
N GLN B 438 -12.74 -7.26 57.22
CA GLN B 438 -12.92 -8.62 56.72
C GLN B 438 -11.68 -9.53 56.89
N GLU B 439 -10.61 -8.99 57.48
CA GLU B 439 -9.32 -9.69 57.58
C GLU B 439 -8.86 -10.24 56.21
N GLN B 440 -8.97 -9.39 55.18
CA GLN B 440 -8.67 -9.77 53.79
C GLN B 440 -7.46 -9.02 53.19
N LEU B 441 -6.51 -8.63 54.04
CA LEU B 441 -5.30 -7.95 53.58
C LEU B 441 -4.40 -8.86 52.72
N GLU B 442 -4.36 -10.15 53.06
CA GLU B 442 -3.52 -11.12 52.33
C GLU B 442 -4.21 -11.71 51.08
N LYS B 443 -5.50 -11.44 50.88
CA LYS B 443 -6.24 -12.03 49.76
C LYS B 443 -5.89 -11.33 48.44
N ALA B 444 -5.31 -12.08 47.51
CA ALA B 444 -4.99 -11.55 46.18
C ALA B 444 -6.26 -11.18 45.44
N LEU B 445 -6.22 -10.07 44.70
CA LEU B 445 -7.37 -9.58 43.95
C LEU B 445 -7.00 -9.32 42.50
N ASP B 446 -7.90 -9.65 41.58
CA ASP B 446 -7.70 -9.39 40.16
C ASP B 446 -7.76 -7.89 39.92
N CYS B 447 -6.76 -7.35 39.23
CA CYS B 447 -6.82 -5.95 38.80
C CYS B 447 -6.04 -5.72 37.52
N GLN B 448 -6.24 -4.55 36.93
CA GLN B 448 -5.72 -4.25 35.61
C GLN B 448 -4.76 -3.05 35.66
N ILE B 449 -3.53 -3.25 35.16
CA ILE B 449 -2.52 -2.20 35.06
C ILE B 449 -2.07 -2.09 33.61
N TYR B 450 -2.37 -0.96 32.98
CA TYR B 450 -2.15 -0.77 31.53
C TYR B 450 -2.88 -1.79 30.67
N GLY B 451 -4.03 -2.27 31.13
CA GLY B 451 -4.79 -3.29 30.41
C GLY B 451 -4.33 -4.73 30.64
N ALA B 452 -3.26 -4.94 31.41
CA ALA B 452 -2.80 -6.29 31.72
C ALA B 452 -3.37 -6.75 33.07
N CYS B 453 -3.90 -7.97 33.12
N CYS B 453 -3.85 -7.99 33.11
CA CYS B 453 -4.53 -8.49 34.34
CA CYS B 453 -4.48 -8.54 34.31
C CYS B 453 -3.49 -9.08 35.29
C CYS B 453 -3.45 -9.08 35.29
N TYR B 454 -3.51 -8.64 36.54
CA TYR B 454 -2.64 -9.17 37.60
C TYR B 454 -3.47 -9.58 38.79
N SER B 455 -2.94 -10.50 39.57
CA SER B 455 -3.48 -10.85 40.87
C SER B 455 -2.54 -10.30 41.96
N ILE B 456 -3.03 -9.33 42.73
CA ILE B 456 -2.19 -8.56 43.66
C ILE B 456 -2.79 -8.58 45.07
N GLU B 457 -1.94 -8.82 46.06
CA GLU B 457 -2.34 -8.75 47.47
C GLU B 457 -2.17 -7.32 47.98
N PRO B 458 -3.21 -6.72 48.59
CA PRO B 458 -3.10 -5.36 49.13
C PRO B 458 -1.88 -5.10 50.03
N LEU B 459 -1.43 -6.13 50.75
CA LEU B 459 -0.22 -6.02 51.58
C LEU B 459 1.08 -5.74 50.79
N ASP B 460 1.09 -6.03 49.49
CA ASP B 460 2.27 -5.73 48.64
C ASP B 460 2.25 -4.33 48.03
N LEU B 461 1.22 -3.54 48.32
CA LEU B 461 1.10 -2.20 47.75
C LEU B 461 2.30 -1.26 48.00
N PRO B 462 2.88 -1.28 49.21
CA PRO B 462 4.00 -0.37 49.45
C PRO B 462 5.16 -0.57 48.47
N GLN B 463 5.62 -1.82 48.33
CA GLN B 463 6.68 -2.15 47.36
C GLN B 463 6.28 -1.78 45.94
N ILE B 464 5.04 -2.13 45.55
CA ILE B 464 4.57 -1.85 44.20
C ILE B 464 4.57 -0.35 43.92
N ILE B 465 4.12 0.45 44.89
CA ILE B 465 4.08 1.90 44.75
C ILE B 465 5.49 2.50 44.64
N GLU B 466 6.41 2.02 45.48
CA GLU B 466 7.81 2.46 45.44
C GLU B 466 8.44 2.26 44.05
N ARG B 467 8.17 1.11 43.44
CA ARG B 467 8.77 0.77 42.14
C ARG B 467 8.16 1.55 40.97
N LEU B 468 6.88 1.88 41.06
CA LEU B 468 6.21 2.63 39.99
C LEU B 468 6.39 4.15 40.12
N HIS B 469 6.55 4.63 41.34
CA HIS B 469 6.51 6.06 41.62
C HIS B 469 7.69 6.61 42.40
N GLY B 470 8.45 5.75 43.09
CA GLY B 470 9.49 6.19 44.02
C GLY B 470 8.93 6.46 45.41
N LEU B 471 9.83 6.53 46.39
CA LEU B 471 9.47 6.77 47.80
C LEU B 471 8.75 8.09 48.03
N SER B 472 8.98 9.07 47.16
CA SER B 472 8.31 10.38 47.29
C SER B 472 6.79 10.25 47.27
N ALA B 473 6.27 9.16 46.69
CA ALA B 473 4.84 8.92 46.66
C ALA B 473 4.20 8.85 48.05
N PHE B 474 4.99 8.47 49.06
CA PHE B 474 4.51 8.39 50.43
C PHE B 474 4.70 9.70 51.22
N SER B 475 5.28 10.73 50.58
CA SER B 475 5.63 11.98 51.26
C SER B 475 5.09 13.26 50.61
N LEU B 476 4.31 13.14 49.53
CA LEU B 476 3.88 14.34 48.81
C LEU B 476 2.95 15.22 49.65
N HIS B 477 3.10 16.53 49.51
CA HIS B 477 2.24 17.51 50.16
C HIS B 477 2.27 18.83 49.40
N SER B 478 1.59 19.85 49.91
CA SER B 478 1.43 21.11 49.18
C SER B 478 1.04 20.83 47.73
N TYR B 479 -0.08 20.13 47.56
CA TYR B 479 -0.69 19.93 46.24
C TYR B 479 -1.13 21.30 45.71
N SER B 480 -1.37 21.41 44.40
CA SER B 480 -1.70 22.71 43.81
C SER B 480 -3.15 23.13 44.17
N PRO B 481 -3.41 24.45 44.16
CA PRO B 481 -4.78 24.93 44.42
C PRO B 481 -5.82 24.42 43.41
N GLY B 482 -5.44 24.27 42.15
CA GLY B 482 -6.34 23.74 41.14
C GLY B 482 -6.65 22.26 41.30
N GLU B 483 -5.67 21.48 41.76
CA GLU B 483 -5.86 20.04 42.00
C GLU B 483 -6.68 19.82 43.27
N ILE B 484 -6.40 20.59 44.32
CA ILE B 484 -7.18 20.53 45.56
C ILE B 484 -8.63 20.94 45.30
N ASN B 485 -8.83 21.97 44.47
CA ASN B 485 -10.18 22.44 44.17
C ASN B 485 -10.98 21.47 43.30
N ARG B 486 -10.35 20.87 42.31
CA ARG B 486 -11.02 19.84 41.50
C ARG B 486 -11.50 18.67 42.37
N VAL B 487 -10.63 18.23 43.28
CA VAL B 487 -10.98 17.13 44.18
C VAL B 487 -12.14 17.51 45.11
N ALA B 488 -12.02 18.65 45.78
CA ALA B 488 -13.06 19.12 46.71
C ALA B 488 -14.40 19.32 46.01
N SER B 489 -14.36 19.92 44.82
CA SER B 489 -15.57 20.13 44.03
C SER B 489 -16.21 18.80 43.62
N CYS B 490 -15.39 17.82 43.26
CA CYS B 490 -15.90 16.49 42.97
C CYS B 490 -16.55 15.86 44.20
N LEU B 491 -15.98 16.05 45.39
CA LEU B 491 -16.52 15.44 46.60
C LEU B 491 -17.91 15.97 46.93
N ARG B 492 -18.08 17.29 46.86
CA ARG B 492 -19.39 17.92 47.05
C ARG B 492 -20.39 17.46 45.99
N LYS B 493 -19.96 17.42 44.73
CA LYS B 493 -20.79 16.93 43.63
C LYS B 493 -21.38 15.55 43.91
N LEU B 494 -20.53 14.61 44.35
CA LEU B 494 -20.93 13.21 44.56
C LEU B 494 -21.51 12.94 45.95
N GLY B 495 -21.37 13.90 46.87
CA GLY B 495 -21.78 13.69 48.25
C GLY B 495 -20.83 12.79 49.00
N VAL B 496 -19.54 12.92 48.70
CA VAL B 496 -18.48 12.23 49.41
C VAL B 496 -18.04 13.14 50.56
N PRO B 497 -17.71 12.55 51.72
CA PRO B 497 -17.24 13.39 52.83
C PRO B 497 -16.02 14.24 52.44
N PRO B 498 -15.92 15.46 53.00
CA PRO B 498 -14.76 16.31 52.70
C PRO B 498 -13.45 15.70 53.20
N LEU B 499 -12.33 16.20 52.67
CA LEU B 499 -11.03 15.63 52.95
C LEU B 499 -10.64 15.61 54.43
N ARG B 500 -11.20 16.53 55.21
CA ARG B 500 -10.92 16.59 56.66
C ARG B 500 -11.46 15.36 57.38
N VAL B 501 -12.60 14.84 56.92
CA VAL B 501 -13.17 13.61 57.47
C VAL B 501 -12.25 12.43 57.15
N TRP B 502 -11.71 12.40 55.93
CA TRP B 502 -10.83 11.32 55.51
C TRP B 502 -9.50 11.33 56.26
N ARG B 503 -9.01 12.52 56.59
CA ARG B 503 -7.84 12.66 57.46
C ARG B 503 -8.08 11.98 58.82
N HIS B 504 -9.25 12.21 59.40
CA HIS B 504 -9.60 11.60 60.70
C HIS B 504 -9.70 10.08 60.61
N ARG B 505 -10.37 9.60 59.57
CA ARG B 505 -10.53 8.16 59.37
C ARG B 505 -9.18 7.47 59.14
N ALA B 506 -8.29 8.14 58.41
CA ALA B 506 -6.97 7.59 58.12
C ALA B 506 -6.15 7.30 59.38
N ARG B 507 -6.25 8.18 60.37
CA ARG B 507 -5.55 7.96 61.65
C ARG B 507 -5.98 6.65 62.30
N SER B 508 -7.28 6.38 62.30
CA SER B 508 -7.81 5.11 62.80
C SER B 508 -7.27 3.92 62.00
N VAL B 509 -7.35 4.02 60.68
CA VAL B 509 -6.92 2.95 59.79
C VAL B 509 -5.42 2.69 59.98
N ARG B 510 -4.64 3.75 60.05
CA ARG B 510 -3.20 3.64 60.32
C ARG B 510 -2.92 2.89 61.63
N ALA B 511 -3.59 3.30 62.71
CA ALA B 511 -3.38 2.68 64.02
C ALA B 511 -3.75 1.20 63.99
N ARG B 512 -4.84 0.88 63.31
CA ARG B 512 -5.28 -0.52 63.17
C ARG B 512 -4.24 -1.36 62.45
N LEU B 513 -3.66 -0.83 61.38
CA LEU B 513 -2.63 -1.53 60.63
C LEU B 513 -1.32 -1.71 61.43
N LEU B 514 -0.90 -0.65 62.10
CA LEU B 514 0.31 -0.71 62.94
C LEU B 514 0.16 -1.74 64.06
N SER B 515 -1.05 -1.82 64.62
CA SER B 515 -1.35 -2.75 65.70
C SER B 515 -1.19 -4.22 65.34
N GLN B 516 -1.35 -4.55 64.06
CA GLN B 516 -1.25 -5.94 63.58
C GLN B 516 0.19 -6.38 63.26
N GLY B 517 1.13 -5.45 63.26
CA GLY B 517 2.54 -5.77 62.98
C GLY B 517 2.75 -6.30 61.58
N GLY B 518 3.97 -6.76 61.30
CA GLY B 518 4.31 -7.37 60.03
C GLY B 518 4.04 -6.52 58.81
N ARG B 519 3.63 -7.16 57.72
CA ARG B 519 3.36 -6.47 56.45
C ARG B 519 2.20 -5.48 56.57
N ALA B 520 1.22 -5.80 57.40
CA ALA B 520 0.12 -4.86 57.67
C ALA B 520 0.68 -3.57 58.26
N ALA B 521 1.57 -3.70 59.26
CA ALA B 521 2.22 -2.53 59.87
C ALA B 521 2.99 -1.69 58.86
N THR B 522 3.63 -2.36 57.91
CA THR B 522 4.34 -1.67 56.82
C THR B 522 3.38 -0.85 55.96
N CYS B 523 2.19 -1.39 55.68
CA CYS B 523 1.17 -0.62 54.97
C CYS B 523 0.78 0.64 55.74
N GLY B 524 0.60 0.51 57.06
CA GLY B 524 0.26 1.65 57.90
C GLY B 524 1.32 2.73 57.89
N LYS B 525 2.58 2.30 58.01
CA LYS B 525 3.72 3.21 58.05
C LYS B 525 3.89 4.03 56.77
N TYR B 526 3.80 3.38 55.62
CA TYR B 526 4.10 4.00 54.32
C TYR B 526 2.89 4.63 53.66
N LEU B 527 1.81 3.85 53.52
CA LEU B 527 0.61 4.35 52.86
C LEU B 527 -0.03 5.50 53.62
N PHE B 528 0.12 5.53 54.94
CA PHE B 528 -0.57 6.54 55.76
C PHE B 528 0.34 7.46 56.57
N ASN B 529 1.61 7.58 56.18
CA ASN B 529 2.53 8.53 56.83
C ASN B 529 2.01 9.97 56.69
N TRP B 530 1.25 10.24 55.63
CA TRP B 530 0.64 11.56 55.42
C TRP B 530 -0.35 11.95 56.50
N ALA B 531 -0.91 10.97 57.20
CA ALA B 531 -1.98 11.22 58.18
C ALA B 531 -1.49 11.64 59.57
N VAL B 532 -0.19 11.52 59.82
CA VAL B 532 0.37 11.86 61.14
C VAL B 532 1.27 13.09 61.08
N LYS B 533 1.23 13.90 62.14
CA LYS B 533 2.04 15.12 62.24
C LYS B 533 3.50 14.76 62.48
N THR B 534 3.75 13.91 63.47
CA THR B 534 5.09 13.42 63.76
C THR B 534 5.42 12.23 62.82
N LYS B 535 6.17 12.52 61.77
CA LYS B 535 6.38 11.58 60.67
C LYS B 535 7.35 10.45 61.02
N LEU B 536 7.03 9.23 60.60
CA LEU B 536 7.96 8.09 60.66
C LEU B 536 8.98 8.23 59.52
N LYS B 537 10.23 7.85 59.81
CA LYS B 537 11.29 7.88 58.81
C LYS B 537 11.06 6.78 57.76
N LEU B 538 10.91 7.20 56.51
CA LEU B 538 10.64 6.28 55.41
C LEU B 538 11.94 5.96 54.66
N THR B 539 12.55 4.84 55.04
CA THR B 539 13.72 4.31 54.34
C THR B 539 13.19 3.31 53.32
N PRO B 540 14.08 2.79 52.44
CA PRO B 540 13.60 1.80 51.46
C PRO B 540 12.93 0.59 52.12
N ILE B 541 11.95 0.03 51.43
CA ILE B 541 11.12 -1.03 52.00
C ILE B 541 11.88 -2.35 52.00
N PRO B 542 11.87 -3.08 53.15
CA PRO B 542 12.56 -4.38 53.25
C PRO B 542 12.20 -5.35 52.13
N ALA B 555 9.18 -4.84 29.56
CA ALA B 555 7.74 -4.78 29.74
C ALA B 555 7.07 -6.04 29.18
N GLY B 556 5.73 -6.01 29.09
CA GLY B 556 4.95 -7.11 28.51
C GLY B 556 4.02 -6.64 27.41
N TYR B 557 2.74 -7.01 27.52
CA TYR B 557 1.73 -6.65 26.52
C TYR B 557 0.50 -5.97 27.13
N SER B 558 -0.10 -5.06 26.37
CA SER B 558 -1.29 -4.32 26.80
C SER B 558 -2.56 -5.18 26.62
N GLY B 559 -3.72 -4.59 26.93
CA GLY B 559 -4.98 -5.31 27.03
C GLY B 559 -5.80 -5.39 25.76
N GLY B 560 -5.79 -6.54 25.06
CA GLY B 560 -4.95 -7.68 25.39
C GLY B 560 -5.72 -8.98 25.55
N ASP B 561 -6.02 -9.31 26.81
CA ASP B 561 -6.41 -10.67 27.25
C ASP B 561 -5.14 -11.39 27.77
N ILE B 562 -4.37 -10.68 28.59
CA ILE B 562 -3.08 -11.14 29.06
C ILE B 562 -3.04 -11.18 30.59
N TYR B 563 -2.36 -12.20 31.14
CA TYR B 563 -2.22 -12.36 32.59
C TYR B 563 -0.79 -12.78 32.96
N HIS B 564 -0.35 -12.35 34.15
CA HIS B 564 0.96 -12.74 34.67
C HIS B 564 0.88 -13.12 36.15
C1 1PV C . -4.31 0.87 -26.55
C3 1PV C . -4.05 -0.10 -28.79
C5 1PV C . -3.90 0.08 -30.25
C6 1PV C . -4.64 0.80 -31.13
C8 1PV C . -2.99 -0.11 -32.34
C9 1PV C . -2.14 -0.52 -33.34
C13 1PV C . 1.95 -0.67 -33.63
C15 1PV C . 3.27 0.47 -31.94
C16 1PV C . 4.13 -0.64 -31.89
O19 1PV C . 5.31 -1.38 -29.78
C20 1PV C . 3.90 -1.75 -32.72
C22 1PV C . 2.81 -1.76 -33.58
C24 1PV C . 0.70 -4.10 -35.45
C27 1PV C . -0.83 -1.76 -31.71
C28 1PV C . -1.71 -1.35 -30.70
C29 1PV C . -2.80 -0.52 -31.02
C30 1PV C . 0.35 -2.65 -31.42
C31 1PV C . 0.34 -3.51 -30.20
C32 1PV C . 1.22 -2.31 -30.26
C33 1PV C . -5.89 1.57 -31.00
C34 1PV C . -6.20 2.49 -32.02
C35 1PV C . -7.40 3.21 -31.97
C36 1PV C . -8.29 3.00 -30.92
F37 1PV C . -9.45 3.68 -30.87
C38 1PV C . -8.00 2.05 -29.93
C39 1PV C . -6.80 1.33 -29.98
O7 1PV C . -4.12 0.68 -32.41
O4 1PV C . -4.02 -1.24 -28.31
N2 1PV C . -4.16 0.98 -28.01
C10 1PV C . -1.06 -1.32 -33.03
N11 1PV C . -0.26 -1.64 -34.15
S23 1PV C . -0.70 -3.03 -35.08
O25 1PV C . -1.72 -3.76 -34.36
O26 1PV C . -1.29 -2.53 -36.29
C12 1PV C . 0.79 -0.72 -34.59
F21 1PV C . 4.73 -2.82 -32.67
B17 1PV C . 5.34 -0.63 -30.93
O18 1PV C . 6.44 0.14 -31.21
C14 1PV C . 2.17 0.45 -32.82
C1 1PV D . -4.34 -2.12 -61.40
C3 1PV D . -5.68 -0.27 -60.60
C5 1PV D . -5.91 1.08 -60.02
C6 1PV D . -6.08 2.26 -60.65
C8 1PV D . -6.31 2.70 -58.45
C9 1PV D . -6.50 3.27 -57.20
C13 1PV D . -5.11 4.94 -54.91
C15 1PV D . -5.29 7.26 -55.56
C16 1PV D . -4.28 7.06 -56.52
O19 1PV D . -2.51 8.20 -57.94
C20 1PV D . -3.70 5.80 -56.67
C22 1PV D . -4.11 4.74 -55.87
C24 1PV D . -9.13 4.70 -55.11
C27 1PV D . -6.25 1.10 -56.15
C28 1PV D . -6.05 0.52 -57.42
C29 1PV D . -6.09 1.32 -58.58
C30 1PV D . -6.22 0.27 -54.88
C31 1PV D . -4.89 0.06 -54.23
C32 1PV D . -5.61 -1.10 -54.83
C33 1PV D . -6.00 2.64 -62.09
C34 1PV D . -5.16 1.95 -62.99
C35 1PV D . -5.09 2.35 -64.34
C36 1PV D . -5.83 3.46 -64.78
F37 1PV D . -5.74 3.84 -66.07
C38 1PV D . -6.64 4.17 -63.88
C39 1PV D . -6.71 3.76 -62.53
O7 1PV D . -6.30 3.26 -59.72
O4 1PV D . -6.68 -0.97 -60.85
N2 1PV D . -4.47 -0.77 -60.83
C10 1PV D . -6.47 2.48 -56.05
N11 1PV D . -6.69 3.15 -54.82
S23 1PV D . -8.33 3.30 -54.26
O25 1PV D . -9.04 2.08 -54.54
O26 1PV D . -8.33 3.57 -52.85
C12 1PV D . -5.56 3.75 -54.07
F21 1PV D . -2.71 5.59 -57.58
B17 1PV D . -3.78 8.24 -57.42
O18 1PV D . -4.46 9.42 -57.44
C14 1PV D . -5.72 6.20 -54.76
C1 1PV E . -0.29 9.50 25.06
C3 1PV E . -0.02 9.14 27.48
C5 1PV E . -0.37 9.45 28.89
C6 1PV E . -0.51 10.64 29.52
C8 1PV E . -0.99 9.11 31.08
C9 1PV E . -1.33 8.43 32.24
C13 1PV E . -3.91 5.27 32.97
C15 1PV E . -5.49 4.66 31.24
C16 1PV E . -5.23 3.31 31.47
O19 1PV E . -5.19 1.35 29.87
C20 1PV E . -4.30 2.94 32.45
C22 1PV E . -3.65 3.92 33.21
C24 1PV E . -0.67 4.45 35.29
C27 1PV E . -1.11 6.30 31.07
C28 1PV E . -0.76 7.01 29.89
C29 1PV E . -0.69 8.41 29.89
C30 1PV E . -1.17 4.79 31.10
C31 1PV E . -0.37 3.99 30.13
C32 1PV E . -1.85 4.07 29.99
C33 1PV E . -0.27 12.04 29.09
C34 1PV E . -0.89 13.06 29.83
C35 1PV E . -0.65 14.40 29.50
C36 1PV E . 0.22 14.71 28.46
F37 1PV E . 0.46 16.00 28.15
C38 1PV E . 0.87 13.70 27.75
C39 1PV E . 0.63 12.35 28.08
O7 1PV E . -0.86 10.45 30.83
O4 1PV E . 0.79 8.25 27.23
N2 1PV E . -0.61 9.79 26.47
C10 1PV E . -1.39 7.03 32.24
N11 1PV E . -1.77 6.47 33.47
S23 1PV E . -0.52 6.10 34.62
O25 1PV E . 0.75 6.32 33.98
O26 1PV E . -0.67 7.07 35.67
C12 1PV E . -3.19 6.32 33.81
F21 1PV E . -4.03 1.64 32.70
B17 1PV E . -5.95 2.20 30.63
O18 1PV E . -7.25 1.87 30.88
C14 1PV E . -4.84 5.65 31.99
C1 1PV F . -0.06 15.56 59.11
C3 1PV F . -2.04 16.75 58.37
C5 1PV F . -2.71 17.79 57.52
C6 1PV F . -3.44 18.87 57.89
C8 1PV F . -3.38 18.91 55.63
C9 1PV F . -3.51 19.20 54.27
C13 1PV F . -5.49 18.75 51.85
C15 1PV F . -7.16 20.51 52.06
C16 1PV F . -7.79 19.80 53.10
O19 1PV F . -9.91 19.50 54.42
C20 1PV F . -7.26 18.55 53.51
C22 1PV F . -6.11 18.04 52.88
C24 1PV F . -2.62 21.55 51.51
C27 1PV F . -2.18 17.24 53.69
C28 1PV F . -2.05 16.96 55.07
C29 1PV F . -2.65 17.79 56.04
C30 1PV F . -1.55 16.35 52.63
C31 1PV F . -1.65 14.88 52.78
C32 1PV F . -0.33 15.56 52.96
C33 1PV F . -3.86 19.39 59.21
C34 1PV F . -4.83 20.42 59.21
C35 1PV F . -5.30 20.97 60.40
C36 1PV F . -4.82 20.51 61.63
F37 1PV F . -5.27 21.05 62.77
C38 1PV F . -3.85 19.48 61.66
C39 1PV F . -3.37 18.93 60.45
O7 1PV F . -3.84 19.55 56.75
O4 1PV F . -2.68 16.01 59.11
N2 1PV F . -0.72 16.61 58.31
C10 1PV F . -2.92 18.38 53.30
N11 1PV F . -3.11 18.74 51.94
S23 1PV F . -2.02 19.87 51.18
O25 1PV F . -0.70 19.70 51.71
O26 1PV F . -2.01 19.66 49.76
C12 1PV F . -4.25 18.19 51.21
F21 1PV F . -7.83 17.83 54.50
B17 1PV F . -9.07 20.37 53.78
O18 1PV F . -9.58 21.57 53.34
C14 1PV F . -6.01 19.99 51.45
#